data_6JBN
#
_entry.id   6JBN
#
_cell.length_a   100.020
_cell.length_b   104.990
_cell.length_c   83.810
_cell.angle_alpha   90.00
_cell.angle_beta   90.00
_cell.angle_gamma   90.00
#
_symmetry.space_group_name_H-M   'P 21 21 21'
#
loop_
_entity.id
_entity.type
_entity.pdbx_description
1 polymer 'Peroxidase EfeB'
2 non-polymer 'PROTOPORPHYRIN IX CONTAINING FE'
3 non-polymer 'OXYGEN MOLECULE'
4 non-polymer DI(HYDROXYETHYL)ETHER
5 non-polymer 1,2-ETHANEDIOL
6 non-polymer 'TRIETHYLENE GLYCOL'
7 water water
#
_entity_poly.entity_id   1
_entity_poly.type   'polypeptide(L)'
_entity_poly.pdbx_seq_one_letter_code
;MDEIENGKGTCPFAPMMGRRRLLTGLGLGAGAMLAGVGQAGAATPGVDPAGTQVADAPQSDNTQQRHDYLGAHQAGVVTP
RPAAGLLASFDVLAEDRKELERLFRTLTERIAFLTQGGPQVDPDPRLPPTGSGILGPVVTPDALTITLSVGDSLFDDRFG
LASVKPRHLQRMTAFPNDALDAALCHGDLSIQFCANTPDTNIHALRDILKNLPDLLVLLWKQEGTVPPVAHKPGTPSESA
RNFLGFRDGSANPDSADAREMNRIVWLQADSAEPAWAAGGSYQAVRIIRNFVERWDRTPLGEQERIMGRAKPTGAPLDGG
RTEHDVPDYAVDPKGTRTPLDSHIRLANPRTSASQANLILRRPFNYSNGVTKSGQLEMGLLFIAYQADLDAGFITVQKRL
DGEPLEEYIKPIGGGYFFTLPGITRADDYFGRSLLDASARAHHHHHH
;
_entity_poly.pdbx_strand_id   A,B
#
loop_
_chem_comp.id
_chem_comp.type
_chem_comp.name
_chem_comp.formula
EDO non-polymer 1,2-ETHANEDIOL 'C2 H6 O2'
HEM non-polymer 'PROTOPORPHYRIN IX CONTAINING FE' 'C34 H32 Fe N4 O4'
OXY non-polymer 'OXYGEN MOLECULE' O2
PEG non-polymer DI(HYDROXYETHYL)ETHER 'C4 H10 O3'
PGE non-polymer 'TRIETHYLENE GLYCOL' 'C6 H14 O4'
#
# COMPACT_ATOMS: atom_id res chain seq x y z
N ALA A 50 14.28 7.87 -22.91
CA ALA A 50 12.84 7.72 -22.77
C ALA A 50 12.23 9.01 -22.26
N GLY A 51 11.70 9.82 -23.18
CA GLY A 51 11.04 11.07 -22.87
C GLY A 51 9.73 10.90 -22.12
N THR A 52 9.78 10.07 -21.08
CA THR A 52 8.61 9.75 -20.27
C THR A 52 8.20 10.96 -19.43
N GLN A 53 6.90 11.25 -19.42
CA GLN A 53 6.38 12.33 -18.61
C GLN A 53 6.30 11.89 -17.15
N VAL A 54 6.33 12.86 -16.24
CA VAL A 54 6.49 12.50 -14.84
C VAL A 54 5.27 11.75 -14.34
N ALA A 55 4.08 12.00 -14.89
CA ALA A 55 2.88 11.39 -14.35
C ALA A 55 2.44 10.17 -15.16
N ASP A 56 3.23 9.76 -16.15
CA ASP A 56 2.87 8.59 -16.93
C ASP A 56 2.73 7.37 -16.03
N ALA A 57 1.70 6.57 -16.30
CA ALA A 57 1.48 5.39 -15.49
C ALA A 57 2.58 4.36 -15.78
N PRO A 58 3.06 3.66 -14.76
CA PRO A 58 4.03 2.59 -15.00
C PRO A 58 3.41 1.53 -15.89
N GLN A 59 4.23 0.87 -16.68
CA GLN A 59 3.77 -0.17 -17.59
C GLN A 59 4.27 -1.53 -17.12
N SER A 60 3.40 -2.54 -17.19
CA SER A 60 3.76 -3.84 -16.67
C SER A 60 3.04 -4.92 -17.44
N ASP A 61 3.77 -5.97 -17.78
CA ASP A 61 3.17 -7.15 -18.37
C ASP A 61 2.35 -7.96 -17.37
N ASN A 62 2.47 -7.68 -16.07
CA ASN A 62 1.75 -8.47 -15.07
C ASN A 62 0.25 -8.18 -15.06
N THR A 63 -0.21 -7.07 -15.65
CA THR A 63 -1.59 -6.65 -15.47
C THR A 63 -2.58 -7.63 -16.11
N GLN A 64 -2.14 -8.39 -17.10
CA GLN A 64 -3.04 -9.29 -17.80
C GLN A 64 -2.98 -10.72 -17.28
N GLN A 65 -2.13 -10.99 -16.29
CA GLN A 65 -2.17 -12.28 -15.62
C GLN A 65 -3.54 -12.52 -15.01
N ARG A 66 -3.93 -13.78 -14.96
CA ARG A 66 -5.32 -14.12 -14.72
C ARG A 66 -5.39 -15.44 -13.98
N HIS A 67 -6.11 -15.45 -12.86
CA HIS A 67 -6.42 -16.69 -12.15
C HIS A 67 -7.89 -17.01 -12.32
N ASP A 68 -8.18 -18.28 -12.60
CA ASP A 68 -9.57 -18.70 -12.74
C ASP A 68 -10.24 -18.66 -11.38
N TYR A 69 -11.51 -18.23 -11.36
CA TYR A 69 -12.27 -18.17 -10.11
C TYR A 69 -13.19 -19.36 -9.93
N LEU A 70 -13.33 -20.20 -10.94
CA LEU A 70 -14.10 -21.43 -10.83
C LEU A 70 -13.20 -22.56 -10.34
N GLY A 71 -13.77 -23.46 -9.58
CA GLY A 71 -13.08 -24.64 -9.14
C GLY A 71 -13.80 -25.29 -7.97
N ALA A 72 -13.26 -26.43 -7.56
CA ALA A 72 -13.75 -27.06 -6.33
C ALA A 72 -13.57 -26.15 -5.14
N HIS A 73 -12.53 -25.33 -5.16
CA HIS A 73 -12.26 -24.36 -4.12
C HIS A 73 -12.25 -22.95 -4.72
N GLN A 74 -12.53 -21.97 -3.86
CA GLN A 74 -12.22 -20.59 -4.21
C GLN A 74 -10.72 -20.43 -4.42
N ALA A 75 -10.36 -19.51 -5.31
CA ALA A 75 -8.96 -19.13 -5.43
C ALA A 75 -8.57 -18.28 -4.22
N GLY A 76 -7.26 -18.04 -4.07
CA GLY A 76 -6.77 -17.23 -2.99
C GLY A 76 -6.38 -17.98 -1.72
N VAL A 77 -6.48 -19.30 -1.72
CA VAL A 77 -6.05 -20.11 -0.58
C VAL A 77 -4.75 -20.85 -0.90
N VAL A 78 -4.75 -21.65 -1.96
CA VAL A 78 -3.54 -22.29 -2.40
C VAL A 78 -2.93 -21.60 -3.59
N THR A 79 -3.62 -20.60 -4.13
CA THR A 79 -3.02 -19.76 -5.17
C THR A 79 -1.77 -19.09 -4.62
N PRO A 80 -0.68 -19.04 -5.39
CA PRO A 80 0.52 -18.31 -4.95
C PRO A 80 0.19 -16.87 -4.58
N ARG A 81 0.67 -16.46 -3.41
CA ARG A 81 0.35 -15.12 -2.89
C ARG A 81 1.04 -14.04 -3.70
N PRO A 82 0.29 -13.09 -4.31
CA PRO A 82 0.91 -11.95 -5.00
C PRO A 82 1.45 -10.87 -4.07
N ALA A 83 1.90 -9.76 -4.67
CA ALA A 83 2.61 -8.71 -3.94
C ALA A 83 1.69 -7.84 -3.07
N ALA A 84 0.39 -7.82 -3.33
CA ALA A 84 -0.53 -6.91 -2.64
C ALA A 84 -1.75 -7.66 -2.13
N GLY A 85 -2.23 -7.26 -0.96
CA GLY A 85 -3.32 -7.96 -0.31
C GLY A 85 -4.22 -6.97 0.37
N LEU A 86 -5.49 -7.36 0.52
CA LEU A 86 -6.49 -6.57 1.24
C LEU A 86 -7.53 -7.51 1.84
N LEU A 87 -7.72 -7.43 3.15
CA LEU A 87 -8.69 -8.24 3.87
C LEU A 87 -9.71 -7.28 4.46
N ALA A 88 -10.97 -7.43 4.09
CA ALA A 88 -12.02 -6.53 4.54
C ALA A 88 -13.11 -7.34 5.23
N SER A 89 -13.66 -6.78 6.29
CA SER A 89 -14.74 -7.43 7.02
C SER A 89 -16.00 -6.59 6.90
N PHE A 90 -17.12 -7.27 6.74
CA PHE A 90 -18.41 -6.61 6.57
C PHE A 90 -19.43 -7.24 7.49
N ASP A 91 -20.45 -6.45 7.82
CA ASP A 91 -21.71 -6.99 8.31
C ASP A 91 -22.68 -7.10 7.14
N VAL A 92 -23.39 -8.21 7.10
CA VAL A 92 -24.46 -8.40 6.12
C VAL A 92 -25.70 -7.64 6.60
N LEU A 93 -26.23 -6.77 5.75
CA LEU A 93 -27.42 -6.01 6.11
C LEU A 93 -28.70 -6.67 5.62
N ALA A 94 -28.62 -7.74 4.83
CA ALA A 94 -29.80 -8.48 4.41
C ALA A 94 -30.69 -8.79 5.60
N GLU A 95 -32.00 -8.67 5.39
CA GLU A 95 -32.99 -8.90 6.42
C GLU A 95 -33.70 -10.22 6.27
N ASP A 96 -33.36 -11.00 5.23
CA ASP A 96 -34.10 -12.21 4.89
C ASP A 96 -33.28 -13.04 3.90
N ARG A 97 -33.75 -14.28 3.70
CA ARG A 97 -33.05 -15.25 2.86
C ARG A 97 -33.05 -14.90 1.38
N LYS A 98 -34.03 -14.11 0.93
CA LYS A 98 -33.99 -13.58 -0.43
C LYS A 98 -32.82 -12.59 -0.61
N GLU A 99 -32.77 -11.57 0.25
CA GLU A 99 -31.68 -10.59 0.16
C GLU A 99 -30.32 -11.26 0.37
N LEU A 100 -30.24 -12.27 1.23
CA LEU A 100 -28.96 -12.94 1.37
C LEU A 100 -28.63 -13.70 0.10
N GLU A 101 -29.64 -14.23 -0.59
CA GLU A 101 -29.36 -14.90 -1.85
C GLU A 101 -28.86 -13.90 -2.89
N ARG A 102 -29.49 -12.72 -2.97
CA ARG A 102 -29.05 -11.73 -3.92
C ARG A 102 -27.63 -11.26 -3.63
N LEU A 103 -27.28 -11.10 -2.35
CA LEU A 103 -25.90 -10.75 -2.00
C LEU A 103 -24.93 -11.80 -2.49
N PHE A 104 -25.25 -13.09 -2.27
CA PHE A 104 -24.37 -14.16 -2.74
C PHE A 104 -24.28 -14.18 -4.26
N ARG A 105 -25.42 -14.06 -4.95
CA ARG A 105 -25.43 -13.99 -6.41
C ARG A 105 -24.61 -12.82 -6.92
N THR A 106 -24.75 -11.66 -6.27
CA THR A 106 -24.10 -10.44 -6.76
C THR A 106 -22.60 -10.47 -6.51
N LEU A 107 -22.17 -10.95 -5.34
CA LEU A 107 -20.74 -11.10 -5.11
C LEU A 107 -20.13 -12.01 -6.17
N THR A 108 -20.78 -13.15 -6.42
CA THR A 108 -20.34 -14.07 -7.48
C THR A 108 -20.19 -13.35 -8.81
N GLU A 109 -21.23 -12.64 -9.22
CA GLU A 109 -21.19 -11.90 -10.48
C GLU A 109 -19.99 -10.96 -10.52
N ARG A 110 -19.81 -10.15 -9.48
CA ARG A 110 -18.67 -9.24 -9.45
C ARG A 110 -17.34 -9.98 -9.51
N ILE A 111 -17.25 -11.13 -8.82
CA ILE A 111 -16.00 -11.90 -8.81
C ILE A 111 -15.67 -12.39 -10.21
N ALA A 112 -16.67 -12.94 -10.92
CA ALA A 112 -16.46 -13.41 -12.29
C ALA A 112 -15.90 -12.30 -13.17
N PHE A 113 -16.48 -11.09 -13.12
CA PHE A 113 -15.97 -10.02 -13.97
C PHE A 113 -14.62 -9.50 -13.50
N LEU A 114 -14.49 -9.19 -12.21
CA LEU A 114 -13.31 -8.47 -11.75
C LEU A 114 -12.04 -9.32 -11.86
N THR A 115 -12.16 -10.63 -11.64
CA THR A 115 -10.98 -11.50 -11.68
C THR A 115 -10.59 -11.86 -13.10
N GLN A 116 -11.52 -11.72 -14.05
CA GLN A 116 -11.22 -12.01 -15.44
C GLN A 116 -11.08 -10.76 -16.29
N GLY A 117 -11.70 -9.66 -15.88
CA GLY A 117 -11.48 -8.39 -16.53
C GLY A 117 -12.27 -8.23 -17.82
N GLY A 118 -12.17 -7.04 -18.39
CA GLY A 118 -12.84 -6.74 -19.63
C GLY A 118 -13.36 -5.33 -19.76
N PRO A 119 -14.01 -5.05 -20.88
CA PRO A 119 -14.55 -3.70 -21.11
C PRO A 119 -15.68 -3.37 -20.16
N GLN A 120 -15.75 -2.09 -19.79
CA GLN A 120 -16.82 -1.57 -18.95
C GLN A 120 -17.42 -0.37 -19.67
N VAL A 121 -18.66 -0.50 -20.13
CA VAL A 121 -19.35 0.57 -20.83
C VAL A 121 -20.26 1.30 -19.86
N ASP A 122 -20.17 2.62 -19.86
CA ASP A 122 -21.09 3.44 -19.10
C ASP A 122 -22.39 3.60 -19.87
N PRO A 123 -23.54 3.31 -19.27
CA PRO A 123 -24.78 3.24 -20.07
C PRO A 123 -25.25 4.60 -20.57
N ASP A 124 -25.23 5.60 -19.70
CA ASP A 124 -25.86 6.86 -20.06
C ASP A 124 -25.28 8.00 -19.23
N PRO A 125 -25.00 9.15 -19.83
CA PRO A 125 -24.39 10.26 -19.07
C PRO A 125 -25.18 10.70 -17.86
N ARG A 126 -26.51 10.55 -17.85
CA ARG A 126 -27.28 10.95 -16.67
C ARG A 126 -27.22 9.91 -15.56
N LEU A 127 -26.64 8.75 -15.80
CA LEU A 127 -26.49 7.74 -14.77
C LEU A 127 -25.07 7.75 -14.22
N PRO A 128 -24.87 7.27 -12.99
CA PRO A 128 -23.50 7.09 -12.51
C PRO A 128 -22.76 6.16 -13.44
N PRO A 129 -21.44 6.30 -13.54
CA PRO A 129 -20.68 5.37 -14.39
C PRO A 129 -20.74 3.96 -13.83
N THR A 130 -20.51 2.99 -14.71
CA THR A 130 -20.64 1.58 -14.35
C THR A 130 -19.76 1.24 -13.17
N GLY A 131 -18.49 1.66 -13.22
CA GLY A 131 -17.57 1.49 -12.11
C GLY A 131 -16.82 2.76 -11.75
N SER A 132 -15.76 2.63 -10.94
CA SER A 132 -14.96 3.77 -10.52
C SER A 132 -14.04 4.30 -11.62
N GLY A 133 -13.68 3.47 -12.60
CA GLY A 133 -12.75 3.89 -13.63
C GLY A 133 -11.29 3.84 -13.24
N ILE A 134 -10.96 3.26 -12.08
CA ILE A 134 -9.58 3.30 -11.59
C ILE A 134 -8.66 2.54 -12.54
N LEU A 135 -9.14 1.46 -13.13
CA LEU A 135 -8.33 0.66 -14.05
C LEU A 135 -8.58 1.02 -15.51
N GLY A 136 -9.30 2.11 -15.77
CA GLY A 136 -9.58 2.51 -17.12
C GLY A 136 -10.85 1.86 -17.62
N PRO A 137 -11.25 2.18 -18.85
CA PRO A 137 -12.50 1.61 -19.40
C PRO A 137 -12.39 0.12 -19.72
N VAL A 138 -11.19 -0.45 -19.69
CA VAL A 138 -10.98 -1.88 -19.86
C VAL A 138 -10.34 -2.40 -18.58
N VAL A 139 -11.14 -3.08 -17.76
CA VAL A 139 -10.66 -3.57 -16.47
C VAL A 139 -9.66 -4.69 -16.67
N THR A 140 -8.44 -4.55 -16.05
CA THR A 140 -7.43 -5.59 -16.13
C THR A 140 -7.45 -6.44 -14.85
N PRO A 141 -7.28 -7.76 -14.99
CA PRO A 141 -7.40 -8.62 -13.80
C PRO A 141 -6.23 -8.49 -12.84
N ASP A 142 -4.99 -8.33 -13.34
CA ASP A 142 -3.81 -8.13 -12.50
C ASP A 142 -3.63 -9.26 -11.49
N ALA A 143 -3.94 -10.48 -11.92
CA ALA A 143 -3.85 -11.68 -11.09
C ALA A 143 -4.80 -11.66 -9.90
N LEU A 144 -5.81 -10.79 -9.92
CA LEU A 144 -6.73 -10.65 -8.80
C LEU A 144 -7.40 -11.97 -8.44
N THR A 145 -7.39 -12.32 -7.14
CA THR A 145 -8.30 -13.31 -6.59
C THR A 145 -9.17 -12.65 -5.52
N ILE A 146 -10.40 -13.14 -5.39
CA ILE A 146 -11.35 -12.65 -4.41
C ILE A 146 -11.89 -13.87 -3.65
N THR A 147 -11.66 -13.91 -2.34
CA THR A 147 -12.03 -15.06 -1.52
C THR A 147 -13.10 -14.67 -0.52
N LEU A 148 -14.20 -15.41 -0.51
CA LEU A 148 -15.35 -15.10 0.34
C LEU A 148 -15.40 -16.05 1.53
N SER A 149 -15.54 -15.50 2.74
CA SER A 149 -15.58 -16.31 3.95
C SER A 149 -16.61 -15.75 4.91
N VAL A 150 -17.35 -16.65 5.57
CA VAL A 150 -18.49 -16.28 6.41
C VAL A 150 -18.10 -16.41 7.87
N GLY A 151 -18.49 -15.43 8.68
CA GLY A 151 -18.20 -15.45 10.09
C GLY A 151 -19.20 -16.26 10.89
N ASP A 152 -18.83 -16.49 12.15
CA ASP A 152 -19.72 -17.20 13.08
C ASP A 152 -21.05 -16.49 13.21
N SER A 153 -21.05 -15.15 13.20
CA SER A 153 -22.26 -14.38 13.46
C SER A 153 -23.32 -14.52 12.37
N LEU A 154 -22.95 -14.95 11.16
CA LEU A 154 -23.91 -15.19 10.10
C LEU A 154 -24.86 -16.33 10.43
N PHE A 155 -24.44 -17.26 11.29
CA PHE A 155 -25.25 -18.41 11.67
C PHE A 155 -26.08 -18.13 12.91
N ASP A 156 -26.41 -16.86 13.20
CA ASP A 156 -27.34 -16.55 14.28
C ASP A 156 -28.78 -16.80 13.82
N ASP A 157 -29.76 -16.15 14.43
CA ASP A 157 -31.14 -16.49 14.11
C ASP A 157 -31.68 -15.80 12.85
N ARG A 158 -30.85 -15.03 12.13
CA ARG A 158 -31.37 -14.19 11.06
C ARG A 158 -31.86 -15.00 9.88
N PHE A 159 -31.13 -16.06 9.49
CA PHE A 159 -31.37 -16.69 8.20
C PHE A 159 -31.62 -18.19 8.31
N GLY A 160 -31.70 -18.75 9.52
CA GLY A 160 -31.94 -20.17 9.68
C GLY A 160 -30.82 -21.03 9.13
N LEU A 161 -29.58 -20.66 9.46
CA LEU A 161 -28.41 -21.42 9.07
C LEU A 161 -27.74 -22.13 10.24
N ALA A 162 -28.12 -21.81 11.48
CA ALA A 162 -27.39 -22.28 12.65
C ALA A 162 -27.19 -23.79 12.65
N SER A 163 -28.16 -24.54 12.12
CA SER A 163 -28.06 -25.99 12.17
C SER A 163 -27.19 -26.56 11.05
N VAL A 164 -26.55 -25.74 10.22
CA VAL A 164 -25.55 -26.28 9.31
C VAL A 164 -24.23 -25.51 9.41
N LYS A 165 -24.04 -24.82 10.53
CA LYS A 165 -22.78 -24.09 10.72
C LYS A 165 -21.61 -25.08 10.76
N PRO A 166 -20.50 -24.75 10.11
CA PRO A 166 -19.33 -25.64 10.22
C PRO A 166 -18.98 -25.80 11.69
N ARG A 167 -18.55 -27.00 12.06
CA ARG A 167 -18.57 -27.37 13.46
C ARG A 167 -17.46 -26.70 14.28
N HIS A 168 -16.37 -26.23 13.67
CA HIS A 168 -15.35 -25.48 14.39
C HIS A 168 -15.51 -23.98 14.25
N LEU A 169 -16.49 -23.52 13.47
CA LEU A 169 -16.71 -22.09 13.32
C LEU A 169 -17.08 -21.48 14.68
N GLN A 170 -16.44 -20.36 14.99
CA GLN A 170 -16.61 -19.78 16.31
C GLN A 170 -16.18 -18.33 16.26
N ARG A 171 -16.61 -17.58 17.27
CA ARG A 171 -16.13 -16.22 17.47
C ARG A 171 -14.70 -16.27 17.99
N MET A 172 -13.83 -15.46 17.40
CA MET A 172 -12.47 -15.31 17.93
C MET A 172 -12.50 -14.72 19.34
N THR A 173 -11.71 -15.31 20.23
CA THR A 173 -11.64 -14.88 21.63
C THR A 173 -10.23 -14.38 21.98
N ALA A 174 -10.14 -13.52 22.99
CA ALA A 174 -8.87 -12.85 23.29
C ALA A 174 -7.84 -13.81 23.88
N PHE A 175 -6.67 -13.84 23.27
CA PHE A 175 -5.53 -14.59 23.78
C PHE A 175 -4.73 -13.71 24.74
N PRO A 176 -3.89 -14.32 25.59
CA PRO A 176 -3.30 -13.56 26.72
C PRO A 176 -2.46 -12.37 26.31
N ASN A 177 -1.76 -12.40 25.17
CA ASN A 177 -1.02 -11.23 24.71
C ASN A 177 -1.84 -10.30 23.81
N ASP A 178 -3.13 -10.56 23.61
CA ASP A 178 -3.91 -9.73 22.70
C ASP A 178 -4.23 -8.37 23.32
N ALA A 179 -4.42 -7.35 22.46
CA ALA A 179 -5.00 -6.06 22.86
C ALA A 179 -6.09 -5.71 21.83
N LEU A 180 -7.16 -6.50 21.84
CA LEU A 180 -8.13 -6.44 20.76
C LEU A 180 -8.90 -5.12 20.75
N ASP A 181 -8.90 -4.46 19.61
CA ASP A 181 -9.76 -3.32 19.37
C ASP A 181 -11.12 -3.84 18.89
N ALA A 182 -12.17 -3.54 19.65
CA ALA A 182 -13.49 -4.07 19.30
C ALA A 182 -13.89 -3.70 17.88
N ALA A 183 -13.43 -2.54 17.41
CA ALA A 183 -13.76 -2.10 16.06
C ALA A 183 -12.99 -2.84 14.99
N LEU A 184 -12.05 -3.72 15.35
CA LEU A 184 -11.23 -4.43 14.37
C LEU A 184 -11.47 -5.93 14.42
N CYS A 185 -12.57 -6.37 15.02
CA CYS A 185 -12.81 -7.78 15.28
C CYS A 185 -14.08 -8.29 14.61
N HIS A 186 -14.03 -9.53 14.13
CA HIS A 186 -15.20 -10.28 13.67
C HIS A 186 -15.78 -9.67 12.39
N GLY A 187 -17.08 -9.88 12.15
CA GLY A 187 -17.73 -9.56 10.89
C GLY A 187 -18.53 -10.74 10.37
N ASP A 188 -19.70 -10.46 9.76
CA ASP A 188 -20.48 -11.51 9.09
C ASP A 188 -19.73 -12.12 7.92
N LEU A 189 -18.85 -11.36 7.28
CA LEU A 189 -18.28 -11.77 6.01
C LEU A 189 -16.91 -11.13 5.86
N SER A 190 -15.90 -11.96 5.62
CA SER A 190 -14.61 -11.43 5.21
C SER A 190 -14.44 -11.58 3.71
N ILE A 191 -13.73 -10.63 3.10
CA ILE A 191 -13.34 -10.74 1.70
C ILE A 191 -11.85 -10.46 1.61
N GLN A 192 -11.10 -11.44 1.14
CA GLN A 192 -9.67 -11.29 0.92
C GLN A 192 -9.42 -11.01 -0.56
N PHE A 193 -8.79 -9.87 -0.86
CA PHE A 193 -8.41 -9.48 -2.21
C PHE A 193 -6.89 -9.61 -2.35
N CYS A 194 -6.43 -10.29 -3.40
CA CYS A 194 -5.00 -10.36 -3.69
C CYS A 194 -4.77 -10.04 -5.16
N ALA A 195 -3.81 -9.15 -5.44
CA ALA A 195 -3.46 -8.81 -6.81
C ALA A 195 -1.99 -8.39 -6.87
N ASN A 196 -1.52 -8.07 -8.07
CA ASN A 196 -0.11 -7.70 -8.21
C ASN A 196 0.19 -6.35 -7.59
N THR A 197 -0.77 -5.43 -7.58
CA THR A 197 -0.60 -4.06 -7.12
C THR A 197 -1.82 -3.64 -6.32
N PRO A 198 -1.65 -2.76 -5.32
CA PRO A 198 -2.79 -2.42 -4.44
C PRO A 198 -3.98 -1.79 -5.15
N ASP A 199 -3.76 -1.04 -6.24
CA ASP A 199 -4.89 -0.37 -6.90
C ASP A 199 -5.92 -1.36 -7.41
N THR A 200 -5.50 -2.58 -7.77
CA THR A 200 -6.45 -3.55 -8.30
C THR A 200 -7.39 -4.07 -7.21
N ASN A 201 -6.85 -4.34 -6.01
CA ASN A 201 -7.70 -4.73 -4.88
C ASN A 201 -8.60 -3.59 -4.45
N ILE A 202 -8.07 -2.36 -4.46
CA ILE A 202 -8.88 -1.20 -4.07
C ILE A 202 -10.02 -0.99 -5.06
N HIS A 203 -9.73 -1.17 -6.36
CA HIS A 203 -10.76 -1.11 -7.38
C HIS A 203 -11.80 -2.21 -7.19
N ALA A 204 -11.37 -3.43 -6.85
CA ALA A 204 -12.33 -4.47 -6.57
C ALA A 204 -13.18 -4.11 -5.35
N LEU A 205 -12.55 -3.60 -4.30
CA LEU A 205 -13.30 -3.15 -3.14
C LEU A 205 -14.35 -2.11 -3.52
N ARG A 206 -13.94 -1.09 -4.28
CA ARG A 206 -14.90 -0.05 -4.68
C ARG A 206 -16.08 -0.66 -5.42
N ASP A 207 -15.81 -1.59 -6.33
CA ASP A 207 -16.87 -2.15 -7.16
C ASP A 207 -17.89 -2.90 -6.30
N ILE A 208 -17.41 -3.70 -5.35
CA ILE A 208 -18.33 -4.49 -4.53
C ILE A 208 -19.19 -3.58 -3.66
N LEU A 209 -18.56 -2.58 -3.03
CA LEU A 209 -19.33 -1.65 -2.21
C LEU A 209 -20.26 -0.80 -3.07
N LYS A 210 -19.84 -0.49 -4.30
CA LYS A 210 -20.70 0.30 -5.18
C LYS A 210 -21.98 -0.46 -5.51
N ASN A 211 -21.88 -1.76 -5.75
CA ASN A 211 -23.03 -2.57 -6.13
C ASN A 211 -23.81 -3.13 -4.96
N LEU A 212 -23.23 -3.19 -3.75
CA LEU A 212 -24.00 -3.69 -2.63
C LEU A 212 -24.01 -2.77 -1.41
N PRO A 213 -24.16 -1.45 -1.57
CA PRO A 213 -24.16 -0.58 -0.39
C PRO A 213 -25.38 -0.78 0.49
N ASP A 214 -26.44 -1.43 -0.01
CA ASP A 214 -27.63 -1.72 0.79
C ASP A 214 -27.55 -3.05 1.51
N LEU A 215 -26.69 -3.97 1.08
CA LEU A 215 -26.59 -5.29 1.72
C LEU A 215 -25.29 -5.51 2.47
N LEU A 216 -24.32 -4.60 2.36
CA LEU A 216 -23.05 -4.73 3.06
C LEU A 216 -22.68 -3.43 3.72
N VAL A 217 -22.18 -3.52 4.95
CA VAL A 217 -21.50 -2.38 5.58
C VAL A 217 -20.07 -2.82 5.88
N LEU A 218 -19.12 -2.09 5.32
CA LEU A 218 -17.72 -2.32 5.65
C LEU A 218 -17.48 -2.00 7.12
N LEU A 219 -16.83 -2.93 7.83
CA LEU A 219 -16.54 -2.73 9.25
C LEU A 219 -15.10 -2.33 9.50
N TRP A 220 -14.16 -3.10 8.95
CA TRP A 220 -12.74 -2.82 9.08
C TRP A 220 -12.02 -3.53 7.93
N LYS A 221 -10.81 -3.05 7.64
CA LYS A 221 -10.02 -3.59 6.56
C LYS A 221 -8.55 -3.39 6.89
N GLN A 222 -7.71 -4.25 6.31
CA GLN A 222 -6.27 -4.10 6.40
C GLN A 222 -5.67 -4.48 5.05
N GLU A 223 -4.93 -3.55 4.48
CA GLU A 223 -4.15 -3.75 3.27
C GLU A 223 -2.75 -4.21 3.64
N GLY A 224 -2.14 -4.93 2.72
CA GLY A 224 -0.77 -5.33 3.00
C GLY A 224 -0.06 -5.71 1.72
N THR A 225 1.23 -5.97 1.87
CA THR A 225 2.12 -6.24 0.76
C THR A 225 3.18 -7.24 1.21
N VAL A 226 3.92 -7.77 0.25
CA VAL A 226 5.15 -8.51 0.54
C VAL A 226 6.23 -8.02 -0.43
N PRO A 227 7.51 -8.02 -0.02
CA PRO A 227 8.55 -7.48 -0.89
C PRO A 227 8.92 -8.48 -1.97
N PRO A 228 8.78 -8.11 -3.24
CA PRO A 228 9.23 -8.99 -4.32
C PRO A 228 10.74 -9.13 -4.30
N VAL A 229 11.20 -10.26 -4.82
CA VAL A 229 12.63 -10.54 -4.88
C VAL A 229 13.05 -10.58 -6.34
N ALA A 230 14.36 -10.47 -6.55
CA ALA A 230 14.90 -10.48 -7.90
C ALA A 230 14.75 -11.87 -8.52
N HIS A 231 14.44 -11.88 -9.82
CA HIS A 231 14.05 -13.06 -10.60
C HIS A 231 14.92 -14.28 -10.32
N LYS A 232 16.08 -14.36 -10.95
CA LYS A 232 17.01 -15.48 -10.81
C LYS A 232 16.36 -16.81 -11.21
N PRO A 233 16.14 -17.04 -12.51
CA PRO A 233 15.68 -18.37 -12.94
C PRO A 233 16.76 -19.42 -12.71
N GLY A 234 16.33 -20.60 -12.30
CA GLY A 234 17.26 -21.68 -11.99
C GLY A 234 17.69 -21.76 -10.55
N THR A 235 17.04 -21.03 -9.65
CA THR A 235 17.26 -21.10 -8.21
C THR A 235 15.97 -21.55 -7.54
N PRO A 236 16.06 -22.19 -6.37
CA PRO A 236 14.83 -22.53 -5.65
C PRO A 236 14.08 -21.26 -5.30
N SER A 237 12.75 -21.30 -5.41
CA SER A 237 11.95 -20.16 -5.00
C SER A 237 12.19 -19.86 -3.52
N GLU A 238 12.00 -18.60 -3.14
CA GLU A 238 12.29 -18.17 -1.78
C GLU A 238 11.06 -17.57 -1.13
N SER A 239 10.93 -17.80 0.17
CA SER A 239 9.81 -17.27 0.95
C SER A 239 9.97 -15.78 1.21
N ALA A 240 8.90 -15.02 0.95
CA ALA A 240 8.87 -13.59 1.22
C ALA A 240 9.22 -13.28 2.68
N ARG A 241 9.76 -12.08 2.89
CA ARG A 241 10.06 -11.62 4.23
C ARG A 241 8.91 -10.82 4.84
N ASN A 242 8.85 -10.88 6.17
CA ASN A 242 7.95 -10.08 6.97
C ASN A 242 8.70 -8.84 7.46
N PHE A 243 8.00 -8.00 8.21
CA PHE A 243 8.57 -6.74 8.65
C PHE A 243 9.46 -6.86 9.86
N LEU A 244 9.65 -8.06 10.40
CA LEU A 244 10.75 -8.36 11.28
C LEU A 244 12.01 -8.76 10.52
N GLY A 245 11.93 -8.84 9.19
CA GLY A 245 13.08 -9.11 8.35
C GLY A 245 13.43 -10.57 8.22
N PHE A 246 12.48 -11.46 8.52
CA PHE A 246 12.71 -12.90 8.48
C PHE A 246 11.92 -13.48 7.34
N ARG A 247 12.46 -14.55 6.77
CA ARG A 247 11.70 -15.30 5.80
C ARG A 247 10.49 -15.92 6.46
N ASP A 248 9.36 -15.82 5.77
CA ASP A 248 8.04 -16.16 6.31
C ASP A 248 7.34 -17.14 5.37
N GLY A 249 7.37 -18.43 5.71
CA GLY A 249 6.62 -19.41 4.97
C GLY A 249 7.40 -20.70 4.75
N SER A 250 8.66 -20.70 5.22
CA SER A 250 9.58 -21.81 4.94
C SER A 250 8.97 -23.18 5.27
N ALA A 251 8.38 -23.33 6.46
CA ALA A 251 7.84 -24.62 6.90
C ALA A 251 6.34 -24.78 6.64
N ASN A 252 5.75 -23.97 5.76
CA ASN A 252 4.39 -24.23 5.30
C ASN A 252 4.31 -25.65 4.72
N PRO A 253 3.17 -26.33 4.86
CA PRO A 253 2.98 -27.59 4.13
C PRO A 253 2.86 -27.30 2.64
N ASP A 254 2.95 -28.37 1.84
CA ASP A 254 3.11 -28.19 0.40
C ASP A 254 1.80 -27.73 -0.21
N SER A 255 1.73 -26.44 -0.57
CA SER A 255 0.53 -25.87 -1.15
C SER A 255 0.27 -26.41 -2.56
N ALA A 256 1.30 -26.89 -3.25
CA ALA A 256 1.11 -27.49 -4.56
C ALA A 256 0.74 -28.98 -4.51
N ASP A 257 0.65 -29.58 -3.32
CA ASP A 257 0.35 -31.01 -3.17
C ASP A 257 -1.11 -31.17 -2.76
N ALA A 258 -1.96 -31.58 -3.71
CA ALA A 258 -3.39 -31.70 -3.43
C ALA A 258 -3.68 -32.70 -2.32
N ARG A 259 -2.88 -33.77 -2.19
CA ARG A 259 -3.08 -34.70 -1.09
C ARG A 259 -2.82 -34.02 0.24
N GLU A 260 -1.71 -33.31 0.35
CA GLU A 260 -1.42 -32.57 1.56
C GLU A 260 -2.48 -31.51 1.85
N MET A 261 -2.90 -30.76 0.82
CA MET A 261 -3.94 -29.77 1.04
C MET A 261 -5.26 -30.43 1.45
N ASN A 262 -5.55 -31.60 0.89
CA ASN A 262 -6.82 -32.26 1.21
C ASN A 262 -6.91 -32.64 2.68
N ARG A 263 -5.77 -32.84 3.34
CA ARG A 263 -5.82 -33.28 4.72
C ARG A 263 -5.46 -32.18 5.72
N ILE A 264 -4.89 -31.08 5.25
CA ILE A 264 -4.51 -29.98 6.13
C ILE A 264 -5.43 -28.76 5.95
N VAL A 265 -5.84 -28.43 4.73
CA VAL A 265 -6.52 -27.17 4.45
C VAL A 265 -8.01 -27.36 4.16
N TRP A 266 -8.34 -28.28 3.24
CA TRP A 266 -9.71 -28.39 2.72
C TRP A 266 -10.58 -29.33 3.54
N LEU A 267 -11.82 -28.92 3.78
CA LEU A 267 -12.80 -29.84 4.36
C LEU A 267 -13.14 -30.94 3.37
N GLN A 268 -13.26 -32.17 3.88
CA GLN A 268 -13.53 -33.34 3.06
C GLN A 268 -14.99 -33.76 3.16
N ALA A 269 -15.50 -34.29 2.07
CA ALA A 269 -16.92 -34.63 1.91
C ALA A 269 -17.45 -35.45 3.07
N ASP A 270 -17.13 -36.73 3.07
CA ASP A 270 -17.55 -37.61 4.16
C ASP A 270 -16.64 -37.35 5.35
N SER A 271 -17.17 -36.66 6.35
CA SER A 271 -16.45 -36.40 7.59
C SER A 271 -17.47 -36.06 8.67
N ALA A 272 -17.00 -35.43 9.75
CA ALA A 272 -17.90 -34.95 10.79
C ALA A 272 -18.47 -33.56 10.49
N GLU A 273 -18.11 -32.97 9.37
CA GLU A 273 -18.62 -31.67 8.98
C GLU A 273 -19.89 -31.82 8.16
N PRO A 274 -20.72 -30.78 8.10
CA PRO A 274 -21.85 -30.78 7.16
C PRO A 274 -21.39 -30.90 5.72
N ALA A 275 -22.16 -31.66 4.94
CA ALA A 275 -21.76 -32.04 3.58
C ALA A 275 -21.60 -30.83 2.65
N TRP A 276 -22.41 -29.78 2.83
CA TRP A 276 -22.30 -28.62 1.94
C TRP A 276 -20.93 -27.98 2.04
N ALA A 277 -20.29 -28.07 3.21
CA ALA A 277 -19.04 -27.36 3.49
C ALA A 277 -17.83 -28.03 2.88
N ALA A 278 -18.03 -29.11 2.11
CA ALA A 278 -16.89 -29.81 1.51
C ALA A 278 -16.21 -28.92 0.48
N GLY A 279 -14.90 -28.81 0.59
CA GLY A 279 -14.14 -27.97 -0.32
C GLY A 279 -13.92 -26.56 0.18
N GLY A 280 -14.48 -26.21 1.34
CA GLY A 280 -14.15 -24.98 2.01
C GLY A 280 -12.98 -25.16 2.96
N SER A 281 -12.76 -24.14 3.80
CA SER A 281 -11.61 -24.11 4.68
C SER A 281 -11.91 -23.11 5.78
N TYR A 282 -11.25 -23.27 6.91
CA TYR A 282 -11.37 -22.28 7.98
C TYR A 282 -10.27 -21.22 7.86
N GLN A 283 -10.65 -19.97 8.05
CA GLN A 283 -9.77 -18.82 7.85
C GLN A 283 -9.62 -18.06 9.15
N ALA A 284 -8.38 -17.97 9.64
CA ALA A 284 -8.06 -17.17 10.81
C ALA A 284 -7.28 -15.93 10.37
N VAL A 285 -7.80 -14.76 10.70
CA VAL A 285 -7.15 -13.47 10.39
C VAL A 285 -6.75 -12.82 11.70
N ARG A 286 -5.49 -12.40 11.78
CA ARG A 286 -5.01 -11.67 12.95
C ARG A 286 -4.21 -10.48 12.48
N ILE A 287 -4.58 -9.29 12.94
CA ILE A 287 -3.82 -8.07 12.70
C ILE A 287 -2.81 -7.95 13.84
N ILE A 288 -1.52 -8.06 13.52
CA ILE A 288 -0.47 -8.23 14.53
C ILE A 288 0.52 -7.08 14.42
N ARG A 289 0.45 -6.16 15.39
CA ARG A 289 1.43 -5.09 15.49
C ARG A 289 2.84 -5.67 15.75
N ASN A 290 3.84 -5.03 15.16
CA ASN A 290 5.24 -5.25 15.49
C ASN A 290 5.77 -3.99 16.16
N PHE A 291 6.48 -4.14 17.26
CA PHE A 291 7.15 -2.99 17.85
C PHE A 291 8.54 -2.91 17.22
N VAL A 292 8.60 -2.25 16.05
CA VAL A 292 9.72 -2.41 15.13
C VAL A 292 10.97 -1.71 15.66
N GLU A 293 10.81 -0.49 16.21
CA GLU A 293 11.98 0.22 16.72
C GLU A 293 12.65 -0.59 17.82
N ARG A 294 11.85 -1.18 18.70
CA ARG A 294 12.38 -2.10 19.71
C ARG A 294 13.10 -3.27 19.06
N TRP A 295 12.48 -3.86 18.03
CA TRP A 295 13.08 -5.01 17.36
C TRP A 295 14.43 -4.64 16.77
N ASP A 296 14.49 -3.49 16.10
CA ASP A 296 15.72 -3.08 15.44
C ASP A 296 16.82 -2.71 16.44
N ARG A 297 16.49 -2.55 17.73
CA ARG A 297 17.47 -2.32 18.79
C ARG A 297 17.83 -3.60 19.53
N THR A 298 17.38 -4.76 19.06
CA THR A 298 17.62 -6.08 19.67
C THR A 298 18.75 -6.77 18.94
N PRO A 299 19.71 -7.37 19.68
CA PRO A 299 20.84 -8.02 19.01
C PRO A 299 20.38 -9.10 18.04
N LEU A 300 21.09 -9.23 16.93
CA LEU A 300 20.75 -10.19 15.88
C LEU A 300 20.60 -11.60 16.44
N GLY A 301 21.57 -12.05 17.24
CA GLY A 301 21.48 -13.39 17.80
C GLY A 301 20.26 -13.59 18.68
N GLU A 302 19.83 -12.52 19.38
CA GLU A 302 18.58 -12.64 20.13
C GLU A 302 17.37 -12.70 19.19
N GLN A 303 17.38 -11.92 18.11
CA GLN A 303 16.30 -12.05 17.12
C GLN A 303 16.21 -13.47 16.61
N GLU A 304 17.36 -14.14 16.44
CA GLU A 304 17.37 -15.46 15.82
C GLU A 304 16.90 -16.55 16.77
N ARG A 305 17.10 -16.40 18.08
CA ARG A 305 16.61 -17.42 18.99
C ARG A 305 15.20 -17.16 19.48
N ILE A 306 14.67 -15.95 19.30
CA ILE A 306 13.23 -15.76 19.49
C ILE A 306 12.46 -16.44 18.36
N MET A 307 12.99 -16.32 17.13
CA MET A 307 12.37 -16.94 15.96
C MET A 307 12.79 -18.40 15.78
N GLY A 308 14.04 -18.73 16.12
CA GLY A 308 14.52 -20.09 15.89
C GLY A 308 14.95 -20.38 14.47
N ARG A 309 15.30 -19.35 13.71
CA ARG A 309 15.88 -19.50 12.38
C ARG A 309 16.97 -18.43 12.22
N ALA A 310 17.89 -18.70 11.29
CA ALA A 310 18.92 -17.73 10.96
C ALA A 310 18.31 -16.66 10.08
N LYS A 311 18.62 -15.39 10.39
CA LYS A 311 17.88 -14.30 9.79
C LYS A 311 18.12 -14.18 8.30
N PRO A 312 19.36 -14.02 7.81
CA PRO A 312 19.52 -13.72 6.38
C PRO A 312 19.17 -14.90 5.49
N THR A 313 19.32 -16.12 5.97
CA THR A 313 19.07 -17.30 5.14
C THR A 313 17.72 -17.97 5.42
N GLY A 314 17.19 -17.87 6.64
CA GLY A 314 16.08 -18.73 7.00
C GLY A 314 16.43 -20.19 7.23
N ALA A 315 17.72 -20.54 7.35
CA ALA A 315 18.12 -21.91 7.65
C ALA A 315 17.90 -22.27 9.13
N PRO A 316 17.74 -23.56 9.44
CA PRO A 316 17.73 -24.00 10.86
C PRO A 316 18.94 -23.52 11.65
N LEU A 317 18.76 -23.37 12.95
CA LEU A 317 19.88 -22.99 13.81
C LEU A 317 20.80 -24.16 14.16
N ASP A 318 20.60 -25.34 13.60
CA ASP A 318 21.49 -26.45 13.88
C ASP A 318 22.17 -26.98 12.62
N GLY A 319 22.42 -26.11 11.65
CA GLY A 319 22.96 -26.57 10.39
C GLY A 319 22.02 -26.37 9.21
N GLY A 320 22.32 -27.00 8.09
CA GLY A 320 21.57 -26.75 6.86
C GLY A 320 21.87 -25.38 6.28
N ARG A 321 22.01 -25.28 4.96
CA ARG A 321 22.34 -24.00 4.34
C ARG A 321 21.10 -23.18 4.03
N THR A 322 20.04 -23.80 3.53
CA THR A 322 18.92 -23.07 2.97
C THR A 322 17.72 -23.11 3.91
N GLU A 323 16.70 -22.33 3.53
CA GLU A 323 15.46 -22.23 4.28
C GLU A 323 14.58 -23.47 4.14
N HIS A 324 14.86 -24.33 3.16
CA HIS A 324 14.09 -25.56 3.01
C HIS A 324 14.56 -26.66 3.94
N ASP A 325 15.75 -26.53 4.52
CA ASP A 325 16.16 -27.45 5.57
C ASP A 325 15.31 -27.23 6.82
N VAL A 326 15.34 -28.22 7.71
CA VAL A 326 14.52 -28.26 8.91
C VAL A 326 15.45 -28.62 10.07
N PRO A 327 15.26 -28.11 11.28
CA PRO A 327 16.04 -28.61 12.42
C PRO A 327 15.65 -30.04 12.72
N ASP A 328 16.52 -30.75 13.43
CA ASP A 328 16.21 -32.08 13.98
C ASP A 328 16.08 -31.93 15.49
N TYR A 329 14.83 -31.80 15.97
CA TYR A 329 14.62 -31.68 17.40
C TYR A 329 14.97 -32.97 18.15
N ALA A 330 14.88 -34.12 17.49
CA ALA A 330 15.24 -35.37 18.15
C ALA A 330 16.69 -35.33 18.63
N VAL A 331 17.56 -34.71 17.84
CA VAL A 331 18.96 -34.50 18.19
C VAL A 331 19.13 -33.52 19.35
N ASP A 332 18.17 -32.62 19.60
CA ASP A 332 18.40 -31.45 20.45
C ASP A 332 17.26 -31.27 21.47
N PRO A 333 17.00 -32.30 22.28
CA PRO A 333 15.82 -32.23 23.17
C PRO A 333 15.83 -31.03 24.12
N LYS A 334 16.99 -30.47 24.44
CA LYS A 334 17.09 -29.42 25.44
C LYS A 334 17.08 -28.01 24.86
N GLY A 335 16.95 -27.87 23.55
CA GLY A 335 16.91 -26.57 22.92
C GLY A 335 18.21 -25.79 22.96
N THR A 336 19.35 -26.46 22.77
CA THR A 336 20.63 -25.76 22.77
C THR A 336 21.04 -25.31 21.40
N ARG A 337 20.42 -25.84 20.36
CA ARG A 337 20.52 -25.32 19.00
C ARG A 337 19.28 -24.52 18.61
N THR A 338 18.10 -25.16 18.64
CA THR A 338 16.85 -24.44 18.49
C THR A 338 16.18 -24.29 19.85
N PRO A 339 16.16 -23.09 20.43
CA PRO A 339 15.55 -22.91 21.76
C PRO A 339 14.15 -23.51 21.86
N LEU A 340 13.86 -24.12 23.02
CA LEU A 340 12.53 -24.69 23.23
C LEU A 340 11.46 -23.61 23.10
N ASP A 341 11.74 -22.42 23.62
CA ASP A 341 10.79 -21.32 23.58
C ASP A 341 10.97 -20.42 22.35
N SER A 342 11.62 -20.90 21.30
CA SER A 342 11.66 -20.09 20.10
C SER A 342 10.34 -20.24 19.35
N HIS A 343 10.06 -19.25 18.51
CA HIS A 343 8.76 -19.17 17.84
C HIS A 343 8.43 -20.46 17.07
N ILE A 344 9.35 -20.92 16.21
CA ILE A 344 8.97 -22.08 15.40
C ILE A 344 8.79 -23.32 16.26
N ARG A 345 9.66 -23.50 17.28
CA ARG A 345 9.64 -24.76 18.01
C ARG A 345 8.37 -24.89 18.81
N LEU A 346 7.86 -23.76 19.31
CA LEU A 346 6.56 -23.73 19.98
C LEU A 346 5.42 -23.89 18.97
N ALA A 347 5.49 -23.17 17.84
CA ALA A 347 4.42 -23.26 16.83
C ALA A 347 4.30 -24.67 16.28
N ASN A 348 5.42 -25.37 16.11
CA ASN A 348 5.41 -26.71 15.54
C ASN A 348 6.55 -27.52 16.14
N PRO A 349 6.28 -28.25 17.23
CA PRO A 349 7.33 -29.05 17.87
C PRO A 349 7.75 -30.27 17.06
N ARG A 350 7.09 -30.55 15.94
CA ARG A 350 7.54 -31.59 15.00
C ARG A 350 7.45 -32.99 15.60
N THR A 351 6.54 -33.18 16.55
CA THR A 351 6.10 -34.49 17.00
C THR A 351 5.09 -35.08 16.02
N SER A 352 4.97 -36.41 16.06
CA SER A 352 3.95 -37.07 15.26
C SER A 352 2.56 -36.55 15.63
N ALA A 353 2.33 -36.26 16.92
CA ALA A 353 1.06 -35.64 17.28
C ALA A 353 0.89 -34.24 16.69
N SER A 354 1.99 -33.51 16.48
CA SER A 354 1.85 -32.13 16.02
C SER A 354 1.51 -32.04 14.53
N GLN A 355 1.59 -33.14 13.79
CA GLN A 355 1.20 -33.09 12.38
C GLN A 355 -0.31 -32.89 12.21
N ALA A 356 -1.10 -33.04 13.27
CA ALA A 356 -2.52 -32.74 13.24
C ALA A 356 -2.80 -31.24 13.35
N ASN A 357 -1.77 -30.44 13.64
CA ASN A 357 -1.92 -29.02 13.86
C ASN A 357 -1.21 -28.18 12.82
N LEU A 358 -0.92 -28.76 11.66
CA LEU A 358 -0.31 -28.00 10.57
C LEU A 358 -1.32 -27.03 9.96
N ILE A 359 -0.83 -25.86 9.55
CA ILE A 359 -1.65 -24.81 8.95
C ILE A 359 -0.94 -24.20 7.74
N LEU A 360 -1.73 -23.63 6.85
CA LEU A 360 -1.20 -22.94 5.68
C LEU A 360 -1.26 -21.43 5.91
N ARG A 361 -0.11 -20.82 6.13
CA ARG A 361 -0.05 -19.39 6.36
C ARG A 361 0.06 -18.68 5.01
N ARG A 362 -0.64 -17.56 4.88
CA ARG A 362 -0.65 -16.75 3.66
C ARG A 362 -0.69 -15.28 4.04
N PRO A 363 0.35 -14.78 4.69
CA PRO A 363 0.29 -13.44 5.29
C PRO A 363 0.65 -12.30 4.33
N PHE A 364 0.37 -11.09 4.79
CA PHE A 364 0.93 -9.89 4.22
C PHE A 364 1.54 -9.06 5.34
N ASN A 365 2.29 -8.04 4.95
CA ASN A 365 2.87 -7.06 5.86
C ASN A 365 2.11 -5.74 5.75
N TYR A 366 1.82 -5.13 6.88
CA TYR A 366 0.94 -3.97 6.86
C TYR A 366 1.65 -2.79 7.49
N SER A 367 1.39 -1.59 6.93
CA SER A 367 1.98 -0.34 7.37
C SER A 367 0.87 0.67 7.49
N ASN A 368 0.52 1.07 8.73
CA ASN A 368 -0.67 1.88 8.95
C ASN A 368 -0.42 3.32 9.33
N GLY A 369 0.80 3.71 9.67
CA GLY A 369 0.99 5.08 10.06
C GLY A 369 1.90 5.24 11.26
N VAL A 370 1.68 6.29 12.06
CA VAL A 370 2.58 6.65 13.15
C VAL A 370 1.75 6.76 14.43
N THR A 371 2.25 6.18 15.52
CA THR A 371 1.57 6.23 16.81
C THR A 371 1.82 7.58 17.46
N LYS A 372 1.32 7.74 18.69
CA LYS A 372 1.51 9.04 19.35
C LYS A 372 2.93 9.23 19.84
N SER A 373 3.58 8.17 20.32
CA SER A 373 5.00 8.27 20.58
C SER A 373 5.84 8.19 19.32
N GLY A 374 5.23 8.39 18.15
CA GLY A 374 6.01 8.56 16.94
C GLY A 374 6.70 7.30 16.48
N GLN A 375 6.08 6.15 16.69
CA GLN A 375 6.63 4.88 16.27
C GLN A 375 5.82 4.35 15.10
N LEU A 376 6.47 3.52 14.28
CA LEU A 376 5.87 3.04 13.05
C LEU A 376 4.76 2.05 13.34
N GLU A 377 3.56 2.36 12.85
CA GLU A 377 2.39 1.51 13.05
C GLU A 377 2.38 0.47 11.94
N MET A 378 3.14 -0.59 12.14
CA MET A 378 3.26 -1.63 11.12
C MET A 378 3.34 -2.99 11.82
N GLY A 379 3.07 -4.04 11.04
CA GLY A 379 3.02 -5.38 11.61
C GLY A 379 2.83 -6.47 10.58
N LEU A 380 2.12 -7.51 10.97
CA LEU A 380 1.82 -8.65 10.10
C LEU A 380 0.31 -8.76 9.96
N LEU A 381 -0.15 -8.85 8.71
CA LEU A 381 -1.52 -9.27 8.43
C LEU A 381 -1.50 -10.79 8.32
N PHE A 382 -1.62 -11.45 9.48
CA PHE A 382 -1.59 -12.90 9.56
C PHE A 382 -2.90 -13.48 9.03
N ILE A 383 -2.80 -14.32 8.00
CA ILE A 383 -3.96 -15.04 7.47
C ILE A 383 -3.56 -16.49 7.31
N ALA A 384 -4.41 -17.40 7.77
CA ALA A 384 -4.06 -18.81 7.75
C ALA A 384 -5.30 -19.65 7.52
N TYR A 385 -5.12 -20.73 6.76
CA TYR A 385 -6.20 -21.63 6.39
C TYR A 385 -5.95 -23.00 7.00
N GLN A 386 -7.04 -23.69 7.35
CA GLN A 386 -6.95 -25.02 7.92
C GLN A 386 -8.27 -25.76 7.79
N ALA A 387 -8.18 -27.07 7.53
CA ALA A 387 -9.35 -27.95 7.52
C ALA A 387 -10.06 -28.03 8.86
N ASP A 388 -9.39 -27.67 9.97
CA ASP A 388 -9.97 -27.78 11.31
C ASP A 388 -9.46 -26.58 12.10
N LEU A 389 -10.35 -25.64 12.43
CA LEU A 389 -9.90 -24.41 13.09
C LEU A 389 -9.35 -24.68 14.48
N ASP A 390 -9.90 -25.65 15.19
CA ASP A 390 -9.47 -25.90 16.56
C ASP A 390 -8.10 -26.58 16.59
N ALA A 391 -7.95 -27.66 15.82
CA ALA A 391 -6.65 -28.33 15.76
C ALA A 391 -5.58 -27.45 15.12
N GLY A 392 -5.99 -26.47 14.32
CA GLY A 392 -5.07 -25.62 13.62
C GLY A 392 -4.69 -24.37 14.39
N PHE A 393 -5.12 -23.20 13.88
CA PHE A 393 -4.69 -21.92 14.41
C PHE A 393 -4.79 -21.85 15.93
N ILE A 394 -5.92 -22.27 16.48
CA ILE A 394 -6.14 -22.08 17.91
C ILE A 394 -5.15 -22.91 18.73
N THR A 395 -4.97 -24.19 18.36
CA THR A 395 -3.97 -25.02 19.03
C THR A 395 -2.58 -24.40 18.90
N VAL A 396 -2.21 -23.98 17.70
CA VAL A 396 -0.90 -23.36 17.50
C VAL A 396 -0.74 -22.11 18.37
N GLN A 397 -1.71 -21.20 18.31
CA GLN A 397 -1.63 -20.01 19.14
C GLN A 397 -1.60 -20.37 20.63
N LYS A 398 -2.37 -21.40 21.02
CA LYS A 398 -2.33 -21.83 22.42
C LYS A 398 -0.92 -22.27 22.81
N ARG A 399 -0.19 -22.93 21.90
CA ARG A 399 1.21 -23.26 22.17
C ARG A 399 2.07 -22.01 22.26
N LEU A 400 1.74 -20.99 21.46
CA LEU A 400 2.60 -19.82 21.33
C LEU A 400 2.44 -18.84 22.48
N ASP A 401 1.40 -18.97 23.29
CA ASP A 401 1.16 -18.00 24.36
C ASP A 401 2.36 -17.93 25.29
N GLY A 402 2.79 -16.71 25.59
CA GLY A 402 3.94 -16.49 26.42
C GLY A 402 5.27 -16.63 25.71
N GLU A 403 5.28 -16.87 24.40
CA GLU A 403 6.52 -16.90 23.64
C GLU A 403 7.29 -15.58 23.79
N PRO A 404 8.62 -15.63 23.69
CA PRO A 404 9.42 -14.39 23.81
C PRO A 404 9.10 -13.36 22.74
N LEU A 405 8.68 -13.81 21.55
CA LEU A 405 8.26 -12.89 20.50
C LEU A 405 7.24 -11.88 21.00
N GLU A 406 6.40 -12.25 21.98
CA GLU A 406 5.33 -11.36 22.43
C GLU A 406 5.86 -10.03 22.96
N GLU A 407 7.14 -9.97 23.34
CA GLU A 407 7.73 -8.70 23.73
C GLU A 407 7.72 -7.70 22.57
N TYR A 408 7.59 -8.18 21.34
CA TYR A 408 7.69 -7.35 20.15
C TYR A 408 6.42 -7.32 19.31
N ILE A 409 5.39 -8.12 19.64
CA ILE A 409 4.18 -8.19 18.82
C ILE A 409 2.95 -8.02 19.70
N LYS A 410 1.84 -7.63 19.06
CA LYS A 410 0.61 -7.35 19.78
C LYS A 410 -0.59 -7.50 18.82
N PRO A 411 -1.30 -8.63 18.89
CA PRO A 411 -2.50 -8.78 18.06
C PRO A 411 -3.55 -7.78 18.49
N ILE A 412 -4.06 -7.01 17.51
CA ILE A 412 -5.02 -5.96 17.81
C ILE A 412 -6.39 -6.19 17.16
N GLY A 413 -6.51 -7.07 16.17
CA GLY A 413 -7.79 -7.30 15.53
C GLY A 413 -7.82 -8.62 14.78
N GLY A 414 -8.95 -8.84 14.10
CA GLY A 414 -9.12 -9.97 13.21
C GLY A 414 -10.37 -10.75 13.53
N GLY A 415 -10.39 -12.04 13.21
CA GLY A 415 -11.50 -12.90 13.57
C GLY A 415 -11.42 -14.20 12.83
N TYR A 416 -12.43 -15.05 13.06
CA TYR A 416 -12.56 -16.34 12.40
C TYR A 416 -13.67 -16.33 11.35
N PHE A 417 -13.37 -16.90 10.17
CA PHE A 417 -14.32 -17.00 9.08
C PHE A 417 -14.24 -18.38 8.44
N PHE A 418 -15.32 -18.82 7.81
CA PHE A 418 -15.32 -20.06 7.04
C PHE A 418 -15.30 -19.72 5.57
N THR A 419 -14.18 -20.03 4.91
CA THR A 419 -14.06 -19.85 3.47
C THR A 419 -14.97 -20.84 2.73
N LEU A 420 -15.80 -20.30 1.85
CA LEU A 420 -16.85 -21.09 1.24
C LEU A 420 -16.29 -22.03 0.17
N PRO A 421 -16.99 -23.14 -0.11
CA PRO A 421 -16.60 -24.02 -1.23
C PRO A 421 -16.61 -23.27 -2.56
N GLY A 422 -15.83 -23.80 -3.51
CA GLY A 422 -15.82 -23.25 -4.83
C GLY A 422 -17.03 -23.64 -5.65
N ILE A 423 -17.08 -23.12 -6.87
CA ILE A 423 -18.11 -23.47 -7.83
C ILE A 423 -17.41 -23.82 -9.14
N THR A 424 -17.84 -24.91 -9.77
CA THR A 424 -17.31 -25.37 -11.04
C THR A 424 -18.18 -24.95 -12.20
N ARG A 425 -19.36 -24.43 -11.90
CA ARG A 425 -20.42 -24.17 -12.88
C ARG A 425 -20.79 -22.69 -12.75
N ALA A 426 -20.55 -21.91 -13.81
CA ALA A 426 -20.84 -20.48 -13.76
C ALA A 426 -22.33 -20.18 -13.54
N ASP A 427 -23.20 -21.17 -13.78
CA ASP A 427 -24.60 -21.13 -13.34
C ASP A 427 -24.75 -21.13 -11.82
N ASP A 428 -23.73 -21.59 -11.09
CA ASP A 428 -23.78 -21.72 -9.64
C ASP A 428 -23.27 -20.43 -9.00
N TYR A 429 -23.31 -20.35 -7.67
CA TYR A 429 -22.80 -19.15 -7.02
C TYR A 429 -22.34 -19.48 -5.60
N PHE A 430 -21.36 -18.73 -5.13
CA PHE A 430 -20.83 -18.99 -3.78
C PHE A 430 -21.94 -18.79 -2.76
N GLY A 431 -21.97 -19.69 -1.77
CA GLY A 431 -22.99 -19.65 -0.75
C GLY A 431 -24.27 -20.39 -1.12
N ARG A 432 -24.39 -20.85 -2.35
CA ARG A 432 -25.62 -21.51 -2.76
C ARG A 432 -25.84 -22.79 -1.95
N SER A 433 -24.85 -23.66 -1.92
CA SER A 433 -24.97 -24.91 -1.17
C SER A 433 -25.27 -24.67 0.30
N LEU A 434 -24.77 -23.56 0.86
CA LEU A 434 -25.13 -23.22 2.24
C LEU A 434 -26.61 -22.88 2.35
N LEU A 435 -27.17 -22.20 1.35
CA LEU A 435 -28.59 -21.87 1.39
C LEU A 435 -29.45 -23.11 1.18
N ASP A 436 -29.02 -23.99 0.28
CA ASP A 436 -29.77 -25.21 0.05
C ASP A 436 -29.67 -26.17 1.22
N ALA A 437 -28.45 -26.35 1.76
CA ALA A 437 -28.30 -27.21 2.94
C ALA A 437 -29.20 -26.72 4.06
N SER A 438 -29.17 -25.41 4.30
CA SER A 438 -30.02 -24.83 5.35
C SER A 438 -31.50 -25.00 5.03
N ALA A 439 -31.86 -24.97 3.76
CA ALA A 439 -33.23 -25.23 3.33
C ALA A 439 -33.62 -26.74 3.45
N ARG A 440 -32.74 -27.56 4.05
CA ARG A 440 -32.90 -29.01 4.09
C ARG A 440 -33.08 -29.56 2.67
N ALA B 50 2.62 -24.00 -11.32
CA ALA B 50 3.88 -24.66 -11.01
C ALA B 50 3.89 -25.15 -9.57
N GLY B 51 4.92 -25.90 -9.19
CA GLY B 51 5.12 -26.31 -7.81
C GLY B 51 5.54 -25.13 -6.94
N THR B 52 4.92 -23.99 -7.19
CA THR B 52 5.20 -22.76 -6.45
C THR B 52 4.47 -22.78 -5.12
N GLN B 53 5.21 -22.60 -4.03
CA GLN B 53 4.61 -22.53 -2.71
C GLN B 53 3.85 -21.22 -2.53
N VAL B 54 2.79 -21.29 -1.71
CA VAL B 54 1.90 -20.15 -1.54
C VAL B 54 2.62 -18.94 -0.94
N ALA B 55 3.66 -19.17 -0.15
CA ALA B 55 4.34 -18.04 0.48
C ALA B 55 5.60 -17.63 -0.26
N ASP B 56 5.85 -18.18 -1.45
CA ASP B 56 7.03 -17.76 -2.17
C ASP B 56 6.87 -16.30 -2.60
N ALA B 57 7.95 -15.56 -2.49
CA ALA B 57 7.92 -14.15 -2.83
C ALA B 57 7.69 -13.98 -4.33
N PRO B 58 6.89 -12.99 -4.74
CA PRO B 58 6.85 -12.62 -6.15
C PRO B 58 8.25 -12.27 -6.65
N GLN B 59 8.50 -12.56 -7.93
CA GLN B 59 9.78 -12.30 -8.57
C GLN B 59 9.61 -11.23 -9.62
N SER B 60 10.59 -10.35 -9.74
CA SER B 60 10.40 -9.20 -10.62
C SER B 60 11.72 -8.79 -11.24
N ASP B 61 11.65 -8.31 -12.48
CA ASP B 61 12.79 -7.65 -13.09
C ASP B 61 13.05 -6.28 -12.46
N ASN B 62 11.99 -5.62 -11.96
CA ASN B 62 12.07 -4.21 -11.58
C ASN B 62 12.96 -3.96 -10.37
N THR B 63 13.29 -5.01 -9.59
CA THR B 63 13.97 -4.80 -8.32
C THR B 63 15.38 -4.26 -8.52
N GLN B 64 15.99 -4.50 -9.67
CA GLN B 64 17.35 -4.03 -9.90
C GLN B 64 17.42 -2.67 -10.61
N GLN B 65 16.28 -2.10 -11.02
CA GLN B 65 16.33 -0.77 -11.62
CA GLN B 65 16.29 -0.76 -11.61
C GLN B 65 16.82 0.27 -10.61
N ARG B 66 17.50 1.29 -11.14
CA ARG B 66 18.17 2.24 -10.26
C ARG B 66 18.16 3.65 -10.86
N HIS B 67 17.93 4.65 -10.02
CA HIS B 67 18.09 6.04 -10.39
C HIS B 67 19.29 6.63 -9.66
N ASP B 68 20.09 7.41 -10.38
CA ASP B 68 21.21 8.11 -9.76
C ASP B 68 20.68 9.15 -8.77
N TYR B 69 21.28 9.21 -7.58
CA TYR B 69 20.88 10.22 -6.62
C TYR B 69 21.74 11.47 -6.69
N LEU B 70 22.73 11.49 -7.58
CA LEU B 70 23.60 12.65 -7.80
C LEU B 70 23.03 13.53 -8.91
N GLY B 71 23.38 14.80 -8.87
CA GLY B 71 23.03 15.70 -9.97
C GLY B 71 22.81 17.10 -9.47
N ALA B 72 22.54 18.00 -10.42
CA ALA B 72 22.18 19.36 -10.04
C ALA B 72 20.94 19.37 -9.15
N HIS B 73 20.03 18.42 -9.36
CA HIS B 73 18.82 18.31 -8.58
C HIS B 73 18.77 16.95 -7.89
N GLN B 74 18.07 16.91 -6.76
CA GLN B 74 17.68 15.63 -6.17
C GLN B 74 16.78 14.86 -7.13
N ALA B 75 16.81 13.53 -7.03
CA ALA B 75 15.87 12.71 -7.77
C ALA B 75 14.52 12.69 -7.08
N GLY B 76 13.50 12.27 -7.83
CA GLY B 76 12.15 12.22 -7.32
C GLY B 76 11.30 13.43 -7.60
N VAL B 77 11.74 14.32 -8.51
CA VAL B 77 10.97 15.49 -8.91
C VAL B 77 10.59 15.34 -10.38
N VAL B 78 11.58 15.35 -11.26
CA VAL B 78 11.29 15.12 -12.68
C VAL B 78 11.49 13.66 -13.07
N THR B 79 11.97 12.83 -12.16
CA THR B 79 12.02 11.40 -12.39
C THR B 79 10.62 10.86 -12.65
N PRO B 80 10.45 9.94 -13.59
CA PRO B 80 9.12 9.29 -13.76
C PRO B 80 8.63 8.69 -12.45
N ARG B 81 7.36 8.91 -12.16
CA ARG B 81 6.80 8.56 -10.86
C ARG B 81 6.49 7.07 -10.84
N PRO B 82 7.13 6.28 -9.92
CA PRO B 82 6.88 4.83 -9.88
C PRO B 82 5.58 4.51 -9.18
N ALA B 83 5.33 3.21 -9.01
CA ALA B 83 4.01 2.74 -8.58
C ALA B 83 3.73 2.96 -7.10
N ALA B 84 4.75 3.25 -6.28
CA ALA B 84 4.59 3.28 -4.83
C ALA B 84 5.21 4.55 -4.26
N GLY B 85 4.48 5.22 -3.38
CA GLY B 85 4.94 6.48 -2.82
C GLY B 85 4.79 6.56 -1.32
N LEU B 86 5.75 7.21 -0.68
CA LEU B 86 5.66 7.50 0.75
C LEU B 86 6.22 8.88 0.97
N LEU B 87 5.40 9.76 1.51
CA LEU B 87 5.79 11.09 1.97
C LEU B 87 5.71 11.07 3.49
N ALA B 88 6.82 11.36 4.16
CA ALA B 88 6.85 11.40 5.61
C ALA B 88 7.29 12.78 6.06
N SER B 89 6.76 13.21 7.20
CA SER B 89 7.15 14.50 7.77
C SER B 89 7.78 14.29 9.15
N PHE B 90 8.82 15.07 9.44
CA PHE B 90 9.60 14.92 10.67
C PHE B 90 9.85 16.27 11.34
N ASP B 91 9.90 16.26 12.66
CA ASP B 91 10.51 17.38 13.39
C ASP B 91 11.98 17.04 13.65
N VAL B 92 12.86 17.97 13.33
CA VAL B 92 14.27 17.84 13.64
C VAL B 92 14.49 18.09 15.13
N LEU B 93 15.12 17.11 15.79
CA LEU B 93 15.48 17.23 17.20
C LEU B 93 16.86 17.83 17.40
N ALA B 94 17.59 18.17 16.33
CA ALA B 94 18.95 18.69 16.47
C ALA B 94 18.98 19.91 17.38
N GLU B 95 19.99 19.99 18.24
CA GLU B 95 20.04 21.11 19.16
C GLU B 95 21.02 22.19 18.75
N ASP B 96 21.79 21.97 17.68
CA ASP B 96 22.76 22.95 17.22
C ASP B 96 23.17 22.59 15.80
N ARG B 97 23.95 23.49 15.20
CA ARG B 97 24.35 23.34 13.80
C ARG B 97 25.23 22.12 13.58
N LYS B 98 26.01 21.73 14.61
CA LYS B 98 26.78 20.48 14.51
C LYS B 98 25.86 19.28 14.42
N GLU B 99 24.77 19.27 15.20
CA GLU B 99 23.85 18.15 15.13
C GLU B 99 23.01 18.20 13.85
N LEU B 100 22.70 19.40 13.35
CA LEU B 100 21.97 19.49 12.09
C LEU B 100 22.85 19.04 10.92
N GLU B 101 24.17 19.28 11.00
CA GLU B 101 25.07 18.81 9.95
C GLU B 101 25.22 17.29 9.97
N ARG B 102 25.32 16.71 11.17
CA ARG B 102 25.39 15.26 11.26
C ARG B 102 24.12 14.59 10.73
N LEU B 103 22.97 15.25 10.89
CA LEU B 103 21.72 14.73 10.33
C LEU B 103 21.74 14.79 8.81
N PHE B 104 22.20 15.91 8.25
CA PHE B 104 22.30 16.05 6.80
C PHE B 104 23.29 15.05 6.20
N ARG B 105 24.46 14.91 6.81
CA ARG B 105 25.45 13.96 6.30
C ARG B 105 24.93 12.54 6.38
N THR B 106 24.21 12.23 7.46
CA THR B 106 23.73 10.87 7.65
C THR B 106 22.57 10.57 6.72
N LEU B 107 21.66 11.54 6.54
CA LEU B 107 20.61 11.38 5.55
C LEU B 107 21.20 11.15 4.17
N THR B 108 22.25 11.92 3.84
CA THR B 108 22.92 11.79 2.55
C THR B 108 23.51 10.38 2.36
N GLU B 109 24.23 9.90 3.37
CA GLU B 109 24.84 8.57 3.26
C GLU B 109 23.80 7.47 3.11
N ARG B 110 22.73 7.53 3.91
CA ARG B 110 21.64 6.57 3.76
C ARG B 110 21.09 6.60 2.35
N ILE B 111 20.89 7.79 1.78
CA ILE B 111 20.36 7.88 0.42
C ILE B 111 21.29 7.18 -0.57
N ALA B 112 22.60 7.44 -0.47
CA ALA B 112 23.55 6.87 -1.41
C ALA B 112 23.49 5.33 -1.37
N PHE B 113 23.40 4.75 -0.17
CA PHE B 113 23.30 3.30 -0.12
C PHE B 113 21.92 2.81 -0.58
N LEU B 114 20.85 3.38 -0.01
CA LEU B 114 19.53 2.81 -0.22
C LEU B 114 19.09 2.92 -1.67
N THR B 115 19.38 4.05 -2.32
CA THR B 115 18.92 4.23 -3.68
C THR B 115 19.74 3.41 -4.66
N GLN B 116 20.95 3.01 -4.28
CA GLN B 116 21.79 2.20 -5.16
C GLN B 116 21.87 0.75 -4.72
N GLY B 117 21.61 0.44 -3.46
CA GLY B 117 21.57 -0.93 -3.02
C GLY B 117 22.95 -1.53 -2.83
N GLY B 118 22.94 -2.78 -2.36
CA GLY B 118 24.17 -3.49 -2.08
C GLY B 118 24.06 -4.39 -0.88
N PRO B 119 25.14 -5.10 -0.56
CA PRO B 119 25.11 -6.06 0.56
C PRO B 119 25.26 -5.37 1.91
N GLN B 120 24.80 -6.09 2.92
CA GLN B 120 24.63 -5.54 4.26
C GLN B 120 25.00 -6.64 5.24
N VAL B 121 26.19 -6.55 5.82
CA VAL B 121 26.62 -7.55 6.79
C VAL B 121 26.37 -7.01 8.19
N ASP B 122 25.85 -7.86 9.06
CA ASP B 122 25.70 -7.53 10.46
C ASP B 122 27.05 -7.63 11.16
N PRO B 123 27.38 -6.67 12.02
CA PRO B 123 28.74 -6.67 12.61
C PRO B 123 29.00 -7.88 13.48
N ASP B 124 28.04 -8.25 14.34
CA ASP B 124 28.31 -9.25 15.37
C ASP B 124 27.00 -9.65 16.05
N PRO B 125 26.84 -10.93 16.39
CA PRO B 125 25.54 -11.41 16.91
C PRO B 125 25.01 -10.67 18.13
N ARG B 126 25.86 -10.07 18.96
CA ARG B 126 25.31 -9.32 20.10
C ARG B 126 25.06 -7.86 19.79
N LEU B 127 25.33 -7.41 18.60
CA LEU B 127 24.88 -6.08 18.20
C LEU B 127 23.56 -6.22 17.45
N PRO B 128 22.77 -5.15 17.35
CA PRO B 128 21.62 -5.19 16.46
C PRO B 128 22.08 -5.32 15.02
N PRO B 129 21.23 -5.85 14.14
CA PRO B 129 21.63 -5.96 12.73
C PRO B 129 21.77 -4.58 12.11
N THR B 130 22.42 -4.55 10.94
CA THR B 130 22.71 -3.29 10.27
C THR B 130 21.42 -2.59 9.84
N GLY B 131 20.49 -3.33 9.25
CA GLY B 131 19.16 -2.83 8.92
C GLY B 131 18.04 -3.77 9.37
N SER B 132 16.83 -3.53 8.88
CA SER B 132 15.68 -4.36 9.20
C SER B 132 15.67 -5.71 8.48
N GLY B 133 16.37 -5.82 7.33
CA GLY B 133 16.39 -7.05 6.58
C GLY B 133 15.16 -7.35 5.74
N ILE B 134 14.23 -6.40 5.64
CA ILE B 134 13.02 -6.55 4.82
C ILE B 134 13.36 -6.91 3.39
N LEU B 135 14.50 -6.44 2.88
CA LEU B 135 14.87 -6.73 1.50
C LEU B 135 15.92 -7.82 1.41
N GLY B 136 16.24 -8.47 2.53
CA GLY B 136 17.26 -9.48 2.54
C GLY B 136 18.63 -8.88 2.78
N PRO B 137 19.66 -9.72 2.81
CA PRO B 137 21.02 -9.24 3.10
C PRO B 137 21.66 -8.52 1.94
N VAL B 138 21.06 -8.52 0.75
CA VAL B 138 21.48 -7.66 -0.35
C VAL B 138 20.30 -6.73 -0.66
N VAL B 139 20.43 -5.48 -0.24
CA VAL B 139 19.40 -4.48 -0.47
C VAL B 139 19.33 -4.17 -1.97
N THR B 140 18.07 -4.23 -2.56
CA THR B 140 17.79 -3.91 -3.94
C THR B 140 17.23 -2.48 -4.07
N PRO B 141 17.71 -1.69 -5.03
CA PRO B 141 17.19 -0.32 -5.18
C PRO B 141 15.69 -0.24 -5.50
N ASP B 142 15.19 -1.09 -6.41
CA ASP B 142 13.76 -1.12 -6.76
C ASP B 142 13.26 0.22 -7.30
N ALA B 143 14.16 0.93 -8.01
CA ALA B 143 13.94 2.27 -8.55
C ALA B 143 13.75 3.33 -7.46
N LEU B 144 14.26 3.10 -6.26
CA LEU B 144 14.01 4.03 -5.16
C LEU B 144 14.59 5.40 -5.44
N THR B 145 13.80 6.44 -5.18
CA THR B 145 14.31 7.78 -4.98
C THR B 145 13.89 8.27 -3.60
N ILE B 146 14.69 9.18 -3.05
CA ILE B 146 14.50 9.74 -1.72
C ILE B 146 14.76 11.25 -1.83
N THR B 147 13.74 12.05 -1.63
CA THR B 147 13.82 13.50 -1.85
C THR B 147 13.67 14.24 -0.53
N LEU B 148 14.65 15.10 -0.23
CA LEU B 148 14.72 15.79 1.06
C LEU B 148 14.26 17.23 0.90
N SER B 149 13.35 17.66 1.77
CA SER B 149 12.84 19.02 1.66
C SER B 149 12.69 19.60 3.05
N VAL B 150 13.01 20.89 3.20
CA VAL B 150 13.01 21.55 4.51
C VAL B 150 11.79 22.45 4.63
N GLY B 151 11.19 22.43 5.84
CA GLY B 151 10.02 23.24 6.11
C GLY B 151 10.35 24.65 6.56
N ASP B 152 9.33 25.50 6.56
CA ASP B 152 9.51 26.86 7.06
C ASP B 152 10.09 26.87 8.48
N SER B 153 9.64 25.94 9.33
CA SER B 153 10.01 26.01 10.74
C SER B 153 11.51 25.74 10.98
N LEU B 154 12.20 25.13 10.02
CA LEU B 154 13.64 24.94 10.15
C LEU B 154 14.37 26.27 10.23
N PHE B 155 13.78 27.33 9.68
CA PHE B 155 14.41 28.63 9.58
C PHE B 155 14.01 29.54 10.73
N ASP B 156 13.54 28.98 11.83
CA ASP B 156 13.36 29.76 13.06
C ASP B 156 14.70 30.06 13.70
N ASP B 157 14.70 30.43 14.97
CA ASP B 157 15.94 30.87 15.61
C ASP B 157 16.82 29.72 16.09
N ARG B 158 16.50 28.47 15.74
CA ARG B 158 17.29 27.35 16.23
C ARG B 158 18.68 27.33 15.61
N PHE B 159 18.77 27.42 14.28
CA PHE B 159 19.99 27.06 13.58
C PHE B 159 20.64 28.23 12.87
N GLY B 160 20.12 29.44 13.08
CA GLY B 160 20.64 30.62 12.39
C GLY B 160 20.47 30.55 10.90
N LEU B 161 19.34 30.02 10.43
CA LEU B 161 19.07 29.94 9.00
C LEU B 161 18.17 31.05 8.48
N ALA B 162 17.46 31.77 9.37
CA ALA B 162 16.35 32.62 8.94
C ALA B 162 16.75 33.56 7.80
N SER B 163 17.96 34.10 7.86
CA SER B 163 18.38 35.13 6.91
C SER B 163 18.56 34.60 5.49
N VAL B 164 18.77 33.30 5.31
CA VAL B 164 18.92 32.75 3.96
C VAL B 164 17.68 31.94 3.54
N LYS B 165 16.55 32.12 4.22
CA LYS B 165 15.37 31.32 3.88
C LYS B 165 14.91 31.60 2.46
N PRO B 166 14.53 30.57 1.69
CA PRO B 166 13.99 30.83 0.36
C PRO B 166 12.78 31.74 0.43
N ARG B 167 12.60 32.56 -0.60
CA ARG B 167 11.80 33.77 -0.43
C ARG B 167 10.31 33.48 -0.34
N HIS B 168 9.84 32.41 -0.98
CA HIS B 168 8.43 32.05 -0.93
C HIS B 168 8.13 30.99 0.14
N LEU B 169 9.15 30.53 0.87
CA LEU B 169 8.94 29.48 1.85
C LEU B 169 8.10 30.01 3.01
N GLN B 170 7.17 29.19 3.47
CA GLN B 170 6.14 29.69 4.36
C GLN B 170 5.37 28.51 4.93
N ARG B 171 4.69 28.77 6.04
CA ARG B 171 3.79 27.81 6.63
C ARG B 171 2.51 27.72 5.80
N MET B 172 2.08 26.49 5.53
CA MET B 172 0.80 26.28 4.83
C MET B 172 -0.34 26.79 5.71
N THR B 173 -1.18 27.66 5.13
CA THR B 173 -2.39 28.13 5.78
C THR B 173 -3.59 27.35 5.27
N ALA B 174 -4.71 27.49 5.98
CA ALA B 174 -5.94 26.80 5.61
C ALA B 174 -6.67 27.53 4.48
N PHE B 175 -7.08 26.79 3.48
CA PHE B 175 -7.94 27.23 2.42
C PHE B 175 -9.40 26.99 2.77
N PRO B 176 -10.34 27.68 2.10
CA PRO B 176 -11.75 27.67 2.56
C PRO B 176 -12.38 26.29 2.67
N ASN B 177 -12.05 25.34 1.78
CA ASN B 177 -12.59 23.99 1.87
C ASN B 177 -11.76 23.06 2.74
N ASP B 178 -10.70 23.56 3.37
CA ASP B 178 -9.83 22.68 4.15
C ASP B 178 -10.51 22.27 5.45
N ALA B 179 -10.25 21.03 5.88
CA ALA B 179 -10.57 20.59 7.23
C ALA B 179 -9.29 19.97 7.82
N LEU B 180 -8.33 20.83 8.14
CA LEU B 180 -6.99 20.40 8.50
C LEU B 180 -6.94 19.81 9.91
N ASP B 181 -6.40 18.61 10.02
CA ASP B 181 -6.00 18.06 11.29
C ASP B 181 -4.60 18.55 11.61
N ALA B 182 -4.45 19.26 12.73
CA ALA B 182 -3.16 19.87 13.05
C ALA B 182 -2.03 18.85 13.05
N ALA B 183 -2.32 17.64 13.53
CA ALA B 183 -1.31 16.59 13.64
C ALA B 183 -0.86 16.03 12.29
N LEU B 184 -1.48 16.47 11.17
CA LEU B 184 -1.08 16.06 9.83
C LEU B 184 -0.47 17.19 9.02
N CYS B 185 -0.12 18.31 9.66
CA CYS B 185 0.34 19.48 8.94
C CYS B 185 1.79 19.81 9.27
N HIS B 186 2.48 20.36 8.29
CA HIS B 186 3.79 20.98 8.48
C HIS B 186 4.84 19.93 8.80
N GLY B 187 5.95 20.36 9.40
CA GLY B 187 7.08 19.51 9.75
C GLY B 187 8.35 20.29 9.41
N ASP B 188 9.44 19.99 10.16
CA ASP B 188 10.75 20.59 9.86
C ASP B 188 11.32 20.05 8.55
N LEU B 189 11.01 18.80 8.21
CA LEU B 189 11.63 18.16 7.07
C LEU B 189 10.62 17.18 6.48
N SER B 190 10.48 17.18 5.17
CA SER B 190 9.73 16.11 4.53
C SER B 190 10.70 15.18 3.83
N ILE B 191 10.35 13.89 3.77
CA ILE B 191 11.10 12.94 2.94
C ILE B 191 10.09 12.20 2.07
N GLN B 192 10.32 12.27 0.76
CA GLN B 192 9.50 11.59 -0.23
C GLN B 192 10.28 10.37 -0.70
N PHE B 193 9.79 9.18 -0.36
CA PHE B 193 10.30 7.93 -0.90
C PHE B 193 9.38 7.48 -2.03
N CYS B 194 9.97 7.04 -3.15
CA CYS B 194 9.21 6.38 -4.20
C CYS B 194 10.00 5.21 -4.75
N ALA B 195 9.31 4.09 -4.98
CA ALA B 195 9.95 2.87 -5.47
C ALA B 195 8.92 2.10 -6.30
N ASN B 196 9.33 0.95 -6.83
CA ASN B 196 8.39 0.14 -7.60
C ASN B 196 7.30 -0.47 -6.72
N THR B 197 7.65 -0.90 -5.52
CA THR B 197 6.73 -1.55 -4.61
C THR B 197 6.80 -0.86 -3.25
N PRO B 198 5.73 -0.95 -2.44
CA PRO B 198 5.73 -0.25 -1.14
C PRO B 198 6.78 -0.77 -0.15
N ASP B 199 7.16 -2.03 -0.22
CA ASP B 199 8.10 -2.55 0.78
C ASP B 199 9.44 -1.84 0.73
N THR B 200 9.81 -1.32 -0.42
CA THR B 200 11.12 -0.66 -0.55
C THR B 200 11.13 0.71 0.11
N ASN B 201 10.08 1.52 -0.09
CA ASN B 201 9.92 2.76 0.65
C ASN B 201 9.92 2.52 2.15
N ILE B 202 9.24 1.45 2.58
CA ILE B 202 9.05 1.20 3.99
C ILE B 202 10.35 0.74 4.64
N HIS B 203 11.11 -0.09 3.93
CA HIS B 203 12.47 -0.42 4.33
C HIS B 203 13.33 0.85 4.42
N ALA B 204 13.24 1.71 3.41
CA ALA B 204 13.99 2.98 3.43
C ALA B 204 13.65 3.79 4.67
N LEU B 205 12.36 3.97 4.94
CA LEU B 205 11.94 4.72 6.11
C LEU B 205 12.46 4.09 7.39
N ARG B 206 12.30 2.77 7.53
CA ARG B 206 12.87 2.06 8.69
C ARG B 206 14.36 2.36 8.86
N ASP B 207 15.13 2.27 7.78
CA ASP B 207 16.56 2.53 7.84
C ASP B 207 16.85 3.93 8.37
N ILE B 208 16.17 4.94 7.82
CA ILE B 208 16.46 6.32 8.21
C ILE B 208 16.13 6.53 9.69
N LEU B 209 14.97 6.06 10.14
CA LEU B 209 14.63 6.18 11.55
C LEU B 209 15.51 5.30 12.42
N LYS B 210 16.05 4.19 11.88
CA LYS B 210 16.92 3.36 12.70
C LYS B 210 18.23 4.07 13.01
N ASN B 211 18.75 4.86 12.06
CA ASN B 211 20.04 5.51 12.23
C ASN B 211 19.94 6.94 12.77
N LEU B 212 18.74 7.51 12.82
CA LEU B 212 18.60 8.86 13.35
C LEU B 212 17.44 9.00 14.34
N PRO B 213 17.27 8.09 15.31
CA PRO B 213 16.17 8.25 16.26
C PRO B 213 16.43 9.32 17.30
N ASP B 214 17.64 9.88 17.34
CA ASP B 214 17.94 10.97 18.24
C ASP B 214 17.84 12.33 17.57
N LEU B 215 17.72 12.37 16.24
CA LEU B 215 17.72 13.60 15.47
C LEU B 215 16.49 13.77 14.59
N LEU B 216 15.61 12.77 14.52
CA LEU B 216 14.36 12.89 13.77
C LEU B 216 13.24 12.28 14.58
N VAL B 217 12.11 12.96 14.65
CA VAL B 217 10.88 12.34 15.12
C VAL B 217 9.85 12.44 14.00
N LEU B 218 9.30 11.29 13.63
CA LEU B 218 8.30 11.21 12.59
C LEU B 218 6.99 11.83 13.09
N LEU B 219 6.46 12.80 12.33
CA LEU B 219 5.23 13.45 12.78
C LEU B 219 3.99 12.84 12.16
N TRP B 220 4.07 12.52 10.87
CA TRP B 220 2.95 11.97 10.11
C TRP B 220 3.52 11.49 8.79
N LYS B 221 2.70 10.73 8.07
CA LYS B 221 3.12 10.14 6.82
C LYS B 221 1.88 9.70 6.05
N GLN B 222 2.09 9.49 4.75
CA GLN B 222 1.02 9.01 3.89
C GLN B 222 1.68 8.22 2.77
N GLU B 223 1.29 6.96 2.63
CA GLU B 223 1.74 6.11 1.55
C GLU B 223 0.72 6.16 0.42
N GLY B 224 1.14 5.80 -0.77
CA GLY B 224 0.18 5.76 -1.85
C GLY B 224 0.71 5.01 -3.05
N THR B 225 -0.14 4.94 -4.07
CA THR B 225 0.06 4.09 -5.24
C THR B 225 -0.60 4.76 -6.45
N VAL B 226 -0.12 4.40 -7.63
CA VAL B 226 -0.88 4.67 -8.85
C VAL B 226 -0.98 3.35 -9.62
N PRO B 227 -2.07 3.12 -10.35
CA PRO B 227 -2.28 1.84 -11.03
C PRO B 227 -1.37 1.71 -12.24
N PRO B 228 -0.55 0.66 -12.32
CA PRO B 228 0.17 0.41 -13.56
C PRO B 228 -0.81 0.08 -14.67
N VAL B 229 -0.38 0.26 -15.91
CA VAL B 229 -1.22 -0.06 -17.06
C VAL B 229 -0.51 -1.14 -17.88
N ALA B 230 -1.26 -1.74 -18.80
CA ALA B 230 -0.73 -2.80 -19.64
C ALA B 230 0.30 -2.22 -20.61
N HIS B 231 1.34 -3.02 -20.86
CA HIS B 231 2.56 -2.55 -21.54
C HIS B 231 2.27 -1.80 -22.83
N LYS B 232 1.85 -2.50 -23.89
CA LYS B 232 1.52 -1.88 -25.18
C LYS B 232 2.76 -1.24 -25.80
N PRO B 233 3.67 -2.01 -26.41
CA PRO B 233 4.85 -1.37 -27.04
C PRO B 233 4.43 -0.43 -28.16
N GLY B 234 5.30 0.54 -28.41
CA GLY B 234 5.07 1.53 -29.46
C GLY B 234 3.81 2.34 -29.30
N THR B 235 3.40 2.58 -28.03
CA THR B 235 2.22 3.32 -27.64
C THR B 235 2.61 4.73 -27.22
N PRO B 236 1.68 5.68 -27.25
CA PRO B 236 1.89 6.91 -26.48
C PRO B 236 1.63 6.64 -25.01
N SER B 237 2.65 6.82 -24.18
CA SER B 237 2.49 6.54 -22.75
C SER B 237 1.47 7.48 -22.13
N GLU B 238 0.62 6.93 -21.26
CA GLU B 238 -0.58 7.58 -20.75
C GLU B 238 -0.47 7.88 -19.26
N SER B 239 -1.25 8.89 -18.84
CA SER B 239 -1.23 9.33 -17.45
C SER B 239 -1.94 8.33 -16.54
N ALA B 240 -1.35 8.13 -15.36
CA ALA B 240 -1.97 7.33 -14.31
C ALA B 240 -3.31 7.91 -13.89
N ARG B 241 -4.19 7.04 -13.42
CA ARG B 241 -5.50 7.48 -12.95
C ARG B 241 -5.48 7.70 -11.44
N ASN B 242 -6.40 8.54 -10.97
CA ASN B 242 -6.60 8.78 -9.54
C ASN B 242 -7.83 8.00 -9.08
N PHE B 243 -8.15 8.13 -7.79
CA PHE B 243 -9.24 7.35 -7.21
C PHE B 243 -10.62 7.88 -7.54
N LEU B 244 -10.72 9.03 -8.23
CA LEU B 244 -11.95 9.40 -8.91
C LEU B 244 -12.03 8.80 -10.31
N GLY B 245 -11.01 8.03 -10.73
CA GLY B 245 -11.05 7.34 -11.99
C GLY B 245 -10.69 8.16 -13.22
N PHE B 246 -10.13 9.35 -13.03
CA PHE B 246 -9.74 10.20 -14.16
C PHE B 246 -8.24 10.15 -14.38
N ARG B 247 -7.83 10.33 -15.64
CA ARG B 247 -6.41 10.48 -15.92
C ARG B 247 -5.88 11.75 -15.26
N ASP B 248 -4.73 11.63 -14.61
CA ASP B 248 -4.20 12.66 -13.73
C ASP B 248 -2.77 12.97 -14.14
N GLY B 249 -2.56 14.16 -14.71
CA GLY B 249 -1.24 14.59 -15.17
C GLY B 249 -1.16 14.98 -16.63
N SER B 250 -2.28 14.96 -17.37
CA SER B 250 -2.23 15.12 -18.82
C SER B 250 -1.66 16.48 -19.24
N ALA B 251 -2.09 17.55 -18.57
CA ALA B 251 -1.68 18.91 -18.90
C ALA B 251 -0.49 19.39 -18.06
N ASN B 252 0.22 18.47 -17.41
CA ASN B 252 1.51 18.79 -16.80
C ASN B 252 2.45 19.36 -17.86
N PRO B 253 3.33 20.29 -17.47
CA PRO B 253 4.39 20.73 -18.39
C PRO B 253 5.40 19.63 -18.61
N ASP B 254 6.09 19.72 -19.75
CA ASP B 254 6.98 18.66 -20.19
C ASP B 254 8.11 18.46 -19.19
N SER B 255 7.98 17.42 -18.35
CA SER B 255 9.02 17.09 -17.38
C SER B 255 10.27 16.53 -18.03
N ALA B 256 10.23 16.12 -19.29
CA ALA B 256 11.44 15.72 -20.02
C ALA B 256 12.16 16.91 -20.65
N ASP B 257 11.64 18.13 -20.51
CA ASP B 257 12.17 19.31 -21.18
C ASP B 257 12.91 20.13 -20.14
N ALA B 258 14.24 20.10 -20.21
CA ALA B 258 15.05 20.78 -19.19
C ALA B 258 14.82 22.28 -19.21
N ARG B 259 14.55 22.85 -20.39
CA ARG B 259 14.29 24.29 -20.43
C ARG B 259 12.94 24.62 -19.76
N GLU B 260 11.92 23.78 -19.96
CA GLU B 260 10.66 24.02 -19.29
C GLU B 260 10.80 23.84 -17.78
N MET B 261 11.48 22.78 -17.38
CA MET B 261 11.69 22.56 -15.95
C MET B 261 12.52 23.68 -15.32
N ASN B 262 13.54 24.17 -16.01
CA ASN B 262 14.34 25.27 -15.48
C ASN B 262 13.50 26.54 -15.28
N ARG B 263 12.42 26.69 -16.04
CA ARG B 263 11.61 27.88 -15.84
C ARG B 263 10.46 27.65 -14.87
N ILE B 264 9.87 26.46 -14.84
CA ILE B 264 8.66 26.21 -14.06
C ILE B 264 8.96 25.60 -12.69
N VAL B 265 9.91 24.68 -12.57
CA VAL B 265 10.10 23.92 -11.34
C VAL B 265 11.37 24.32 -10.60
N TRP B 266 12.50 24.52 -11.31
CA TRP B 266 13.80 24.65 -10.67
C TRP B 266 14.17 26.12 -10.43
N LEU B 267 14.54 26.45 -9.19
CA LEU B 267 15.08 27.76 -8.89
C LEU B 267 16.34 28.01 -9.71
N GLN B 268 16.43 29.19 -10.29
CA GLN B 268 17.57 29.58 -11.11
C GLN B 268 18.60 30.34 -10.29
N ALA B 269 19.87 30.14 -10.62
CA ALA B 269 21.00 30.67 -9.86
C ALA B 269 20.83 32.15 -9.57
N ASP B 270 21.09 32.99 -10.56
CA ASP B 270 20.95 34.43 -10.38
C ASP B 270 19.47 34.79 -10.52
N SER B 271 18.84 35.10 -9.39
CA SER B 271 17.46 35.56 -9.36
C SER B 271 17.24 36.29 -8.04
N ALA B 272 15.99 36.36 -7.59
CA ALA B 272 15.66 36.98 -6.31
C ALA B 272 15.85 36.04 -5.12
N GLU B 273 16.25 34.81 -5.37
CA GLU B 273 16.40 33.84 -4.31
C GLU B 273 17.84 33.80 -3.81
N PRO B 274 18.06 33.34 -2.58
CA PRO B 274 19.44 33.12 -2.13
C PRO B 274 20.14 32.11 -3.02
N ALA B 275 21.42 32.39 -3.29
CA ALA B 275 22.16 31.65 -4.32
C ALA B 275 22.26 30.16 -3.99
N TRP B 276 22.42 29.80 -2.71
CA TRP B 276 22.57 28.39 -2.37
C TRP B 276 21.38 27.58 -2.84
N ALA B 277 20.19 28.20 -2.95
CA ALA B 277 18.98 27.45 -3.23
C ALA B 277 18.78 27.16 -4.71
N ALA B 278 19.73 27.53 -5.57
CA ALA B 278 19.64 27.22 -6.98
C ALA B 278 19.67 25.71 -7.18
N GLY B 279 18.79 25.21 -8.05
CA GLY B 279 18.68 23.79 -8.30
C GLY B 279 17.71 23.07 -7.39
N GLY B 280 17.16 23.76 -6.39
CA GLY B 280 16.05 23.25 -5.60
C GLY B 280 14.71 23.64 -6.20
N SER B 281 13.65 23.36 -5.44
CA SER B 281 12.28 23.61 -5.87
C SER B 281 11.39 23.70 -4.64
N TYR B 282 10.22 24.30 -4.82
CA TYR B 282 9.27 24.39 -3.70
C TYR B 282 8.32 23.20 -3.78
N GLN B 283 8.11 22.54 -2.64
CA GLN B 283 7.27 21.36 -2.55
C GLN B 283 6.00 21.66 -1.74
N ALA B 284 4.85 21.52 -2.40
CA ALA B 284 3.53 21.57 -1.75
C ALA B 284 2.96 20.16 -1.65
N VAL B 285 2.61 19.74 -0.43
CA VAL B 285 2.00 18.43 -0.20
C VAL B 285 0.61 18.67 0.36
N ARG B 286 -0.38 17.97 -0.20
CA ARG B 286 -1.76 18.06 0.26
C ARG B 286 -2.37 16.67 0.34
N ILE B 287 -2.75 16.25 1.54
CA ILE B 287 -3.53 15.02 1.73
C ILE B 287 -5.00 15.38 1.51
N ILE B 288 -5.59 14.82 0.46
CA ILE B 288 -6.92 15.23 0.00
C ILE B 288 -7.85 14.03 0.05
N ARG B 289 -8.76 14.01 1.02
CA ARG B 289 -9.81 13.00 1.06
C ARG B 289 -10.75 13.13 -0.14
N ASN B 290 -11.15 11.98 -0.68
CA ASN B 290 -12.20 11.89 -1.68
C ASN B 290 -13.44 11.27 -1.03
N PHE B 291 -14.62 11.81 -1.32
CA PHE B 291 -15.86 11.18 -0.83
C PHE B 291 -16.37 10.26 -1.93
N VAL B 292 -15.86 9.03 -1.93
CA VAL B 292 -15.94 8.19 -3.12
C VAL B 292 -17.32 7.59 -3.32
N GLU B 293 -18.05 7.28 -2.24
CA GLU B 293 -19.38 6.72 -2.38
C GLU B 293 -20.29 7.73 -3.06
N ARG B 294 -20.26 8.97 -2.56
CA ARG B 294 -21.01 10.05 -3.19
C ARG B 294 -20.60 10.26 -4.64
N TRP B 295 -19.28 10.18 -4.90
CA TRP B 295 -18.81 10.37 -6.27
C TRP B 295 -19.30 9.28 -7.20
N ASP B 296 -19.27 8.03 -6.72
CA ASP B 296 -19.71 6.90 -7.54
C ASP B 296 -21.23 6.93 -7.77
N ARG B 297 -21.97 7.68 -6.96
CA ARG B 297 -23.40 7.90 -7.13
C ARG B 297 -23.70 9.14 -7.98
N THR B 298 -22.71 9.72 -8.58
CA THR B 298 -22.87 10.93 -9.36
C THR B 298 -22.91 10.61 -10.86
N PRO B 299 -23.82 11.24 -11.60
CA PRO B 299 -23.88 11.00 -13.06
C PRO B 299 -22.51 11.20 -13.71
N LEU B 300 -22.14 10.25 -14.57
CA LEU B 300 -20.90 10.37 -15.34
C LEU B 300 -20.78 11.76 -15.97
N GLY B 301 -21.86 12.24 -16.60
CA GLY B 301 -21.81 13.56 -17.21
C GLY B 301 -21.48 14.66 -16.22
N GLU B 302 -22.02 14.57 -15.00
CA GLU B 302 -21.67 15.54 -13.96
C GLU B 302 -20.21 15.41 -13.55
N GLN B 303 -19.71 14.18 -13.38
CA GLN B 303 -18.28 13.99 -13.09
C GLN B 303 -17.42 14.67 -14.15
N GLU B 304 -17.78 14.49 -15.42
CA GLU B 304 -16.96 15.04 -16.49
C GLU B 304 -17.05 16.56 -16.53
N ARG B 305 -18.19 17.12 -16.14
CA ARG B 305 -18.30 18.58 -16.13
C ARG B 305 -17.58 19.18 -14.94
N ILE B 306 -17.53 18.46 -13.82
CA ILE B 306 -16.84 18.95 -12.65
C ILE B 306 -15.34 19.04 -12.92
N MET B 307 -14.80 18.06 -13.65
CA MET B 307 -13.38 17.98 -13.93
C MET B 307 -12.99 18.73 -15.20
N GLY B 308 -13.83 18.70 -16.22
CA GLY B 308 -13.51 19.34 -17.48
C GLY B 308 -12.76 18.46 -18.45
N ARG B 309 -12.72 17.15 -18.22
CA ARG B 309 -12.15 16.18 -19.14
C ARG B 309 -13.14 15.01 -19.31
N ALA B 310 -13.12 14.39 -20.50
CA ALA B 310 -13.84 13.15 -20.71
C ALA B 310 -13.19 12.04 -19.90
N LYS B 311 -14.02 11.24 -19.22
CA LYS B 311 -13.46 10.34 -18.22
C LYS B 311 -12.63 9.22 -18.83
N PRO B 312 -13.15 8.40 -19.76
CA PRO B 312 -12.37 7.21 -20.17
C PRO B 312 -11.12 7.57 -20.96
N THR B 313 -11.20 8.59 -21.81
CA THR B 313 -10.06 9.04 -22.60
C THR B 313 -9.18 10.07 -21.90
N GLY B 314 -9.76 10.90 -21.03
CA GLY B 314 -9.03 12.08 -20.63
C GLY B 314 -8.99 13.17 -21.69
N ALA B 315 -9.79 13.06 -22.75
CA ALA B 315 -9.76 14.05 -23.81
C ALA B 315 -10.49 15.32 -23.39
N PRO B 316 -10.16 16.46 -24.01
CA PRO B 316 -10.96 17.69 -23.79
C PRO B 316 -12.42 17.48 -24.15
N LEU B 317 -13.27 18.31 -23.54
CA LEU B 317 -14.70 18.20 -23.77
C LEU B 317 -15.17 18.94 -25.01
N ASP B 318 -14.28 19.61 -25.73
CA ASP B 318 -14.63 20.33 -26.95
C ASP B 318 -14.07 19.64 -28.20
N GLY B 319 -13.75 18.35 -28.10
CA GLY B 319 -13.06 17.68 -29.18
C GLY B 319 -11.81 16.96 -28.69
N GLY B 320 -10.81 16.80 -29.56
CA GLY B 320 -9.63 16.04 -29.20
C GLY B 320 -9.96 14.57 -28.97
N ARG B 321 -9.08 13.65 -29.36
CA ARG B 321 -9.38 12.26 -29.05
C ARG B 321 -8.47 11.68 -27.99
N THR B 322 -7.27 12.23 -27.78
CA THR B 322 -6.38 11.76 -26.73
C THR B 322 -6.35 12.76 -25.59
N GLU B 323 -5.77 12.29 -24.47
CA GLU B 323 -5.54 13.15 -23.32
C GLU B 323 -4.52 14.24 -23.62
N HIS B 324 -3.74 14.10 -24.68
CA HIS B 324 -2.73 15.10 -25.00
C HIS B 324 -3.30 16.28 -25.77
N ASP B 325 -4.48 16.14 -26.35
CA ASP B 325 -5.18 17.32 -26.87
C ASP B 325 -5.59 18.21 -25.71
N VAL B 326 -5.83 19.48 -26.01
CA VAL B 326 -6.22 20.45 -24.99
C VAL B 326 -7.43 21.22 -25.51
N PRO B 327 -8.25 21.76 -24.61
CA PRO B 327 -9.42 22.51 -25.06
C PRO B 327 -9.01 23.85 -25.65
N ASP B 328 -9.88 24.41 -26.48
CA ASP B 328 -9.68 25.71 -27.12
C ASP B 328 -10.62 26.70 -26.43
N TYR B 329 -10.17 27.28 -25.32
CA TYR B 329 -11.02 28.19 -24.57
C TYR B 329 -11.31 29.47 -25.35
N ALA B 330 -10.43 29.84 -26.30
CA ALA B 330 -10.61 31.08 -27.04
C ALA B 330 -11.95 31.10 -27.77
N VAL B 331 -12.37 29.94 -28.30
CA VAL B 331 -13.66 29.86 -28.99
C VAL B 331 -14.83 29.50 -28.08
N ASP B 332 -14.57 29.22 -26.80
CA ASP B 332 -15.62 28.83 -25.86
C ASP B 332 -15.61 29.75 -24.63
N PRO B 333 -15.82 31.06 -24.84
CA PRO B 333 -15.66 32.01 -23.72
C PRO B 333 -16.67 31.81 -22.60
N LYS B 334 -17.86 31.31 -22.91
CA LYS B 334 -18.86 31.10 -21.87
C LYS B 334 -18.83 29.71 -21.27
N GLY B 335 -17.96 28.83 -21.76
CA GLY B 335 -17.83 27.52 -21.17
C GLY B 335 -19.01 26.60 -21.43
N THR B 336 -19.54 26.61 -22.66
CA THR B 336 -20.57 25.66 -23.03
C THR B 336 -20.00 24.30 -23.44
N ARG B 337 -18.69 24.22 -23.64
CA ARG B 337 -17.95 22.98 -23.83
C ARG B 337 -17.20 22.55 -22.58
N THR B 338 -16.19 23.31 -22.18
CA THR B 338 -15.54 23.12 -20.90
C THR B 338 -16.15 24.09 -19.90
N PRO B 339 -16.98 23.64 -18.97
CA PRO B 339 -17.59 24.58 -18.00
C PRO B 339 -16.56 25.53 -17.39
N LEU B 340 -16.96 26.80 -17.24
CA LEU B 340 -16.06 27.81 -16.69
C LEU B 340 -15.64 27.47 -15.26
N ASP B 341 -16.46 26.73 -14.52
CA ASP B 341 -16.15 26.35 -13.15
C ASP B 341 -15.65 24.91 -13.03
N SER B 342 -15.24 24.30 -14.14
CA SER B 342 -14.66 22.97 -14.03
C SER B 342 -13.24 23.05 -13.47
N HIS B 343 -12.74 21.91 -13.04
CA HIS B 343 -11.48 21.87 -12.30
C HIS B 343 -10.31 22.38 -13.13
N ILE B 344 -10.12 21.84 -14.34
CA ILE B 344 -8.98 22.24 -15.16
C ILE B 344 -9.09 23.71 -15.56
N ARG B 345 -10.32 24.19 -15.84
CA ARG B 345 -10.44 25.55 -16.37
C ARG B 345 -10.20 26.58 -15.28
N LEU B 346 -10.61 26.28 -14.04
CA LEU B 346 -10.21 27.13 -12.92
C LEU B 346 -8.70 27.04 -12.69
N ALA B 347 -8.18 25.83 -12.59
CA ALA B 347 -6.77 25.66 -12.22
C ALA B 347 -5.83 26.25 -13.27
N ASN B 348 -6.24 26.25 -14.53
CA ASN B 348 -5.40 26.81 -15.60
C ASN B 348 -6.29 27.38 -16.71
N PRO B 349 -6.60 28.68 -16.64
CA PRO B 349 -7.43 29.30 -17.68
C PRO B 349 -6.74 29.43 -19.03
N ARG B 350 -5.45 29.11 -19.12
CA ARG B 350 -4.69 29.11 -20.38
C ARG B 350 -4.59 30.49 -21.01
N THR B 351 -4.69 31.52 -20.18
CA THR B 351 -4.33 32.87 -20.54
C THR B 351 -2.80 33.03 -20.49
N SER B 352 -2.30 34.06 -21.17
CA SER B 352 -0.85 34.27 -21.16
C SER B 352 -0.33 34.57 -19.75
N ALA B 353 -1.14 35.23 -18.92
CA ALA B 353 -0.71 35.46 -17.54
C ALA B 353 -0.66 34.15 -16.75
N SER B 354 -1.60 33.24 -16.99
CA SER B 354 -1.65 31.97 -16.28
C SER B 354 -0.42 31.12 -16.55
N GLN B 355 0.34 31.44 -17.57
CA GLN B 355 1.54 30.64 -17.84
C GLN B 355 2.60 30.83 -16.77
N ALA B 356 2.45 31.83 -15.89
CA ALA B 356 3.31 32.01 -14.72
C ALA B 356 2.86 31.21 -13.52
N ASN B 357 1.75 30.47 -13.63
CA ASN B 357 1.21 29.67 -12.54
C ASN B 357 1.23 28.19 -12.84
N LEU B 358 2.05 27.77 -13.80
CA LEU B 358 2.19 26.36 -14.10
C LEU B 358 2.91 25.64 -12.96
N ILE B 359 2.53 24.38 -12.75
CA ILE B 359 3.09 23.55 -11.70
C ILE B 359 3.30 22.14 -12.22
N LEU B 360 4.20 21.40 -11.56
CA LEU B 360 4.48 20.01 -11.90
C LEU B 360 3.87 19.12 -10.83
N ARG B 361 2.85 18.36 -11.20
CA ARG B 361 2.10 17.54 -10.26
C ARG B 361 2.62 16.11 -10.32
N ARG B 362 2.90 15.55 -9.13
CA ARG B 362 3.49 14.20 -9.01
CA ARG B 362 3.49 14.21 -9.02
C ARG B 362 2.75 13.42 -7.94
N PRO B 363 1.44 13.23 -8.09
CA PRO B 363 0.65 12.70 -6.98
C PRO B 363 0.68 11.18 -6.86
N PHE B 364 0.14 10.70 -5.74
CA PHE B 364 -0.21 9.30 -5.56
C PHE B 364 -1.64 9.21 -5.07
N ASN B 365 -2.21 8.02 -5.16
CA ASN B 365 -3.53 7.71 -4.59
C ASN B 365 -3.36 7.01 -3.25
N TYR B 366 -4.21 7.37 -2.29
CA TYR B 366 -4.06 6.81 -0.95
C TYR B 366 -5.35 6.15 -0.50
N SER B 367 -5.18 5.16 0.39
CA SER B 367 -6.28 4.39 0.94
C SER B 367 -5.96 4.11 2.40
N ASN B 368 -6.78 4.60 3.32
CA ASN B 368 -6.41 4.60 4.74
C ASN B 368 -7.34 3.84 5.66
N GLY B 369 -8.37 3.16 5.15
CA GLY B 369 -9.26 2.42 6.01
C GLY B 369 -10.71 2.83 5.82
N VAL B 370 -11.46 2.79 6.92
CA VAL B 370 -12.90 3.00 6.89
C VAL B 370 -13.27 3.96 8.01
N THR B 371 -14.09 4.95 7.70
CA THR B 371 -14.53 5.91 8.69
C THR B 371 -15.65 5.28 9.52
N LYS B 372 -16.14 6.05 10.49
CA LYS B 372 -17.20 5.56 11.34
C LYS B 372 -18.54 5.44 10.63
N SER B 373 -18.76 6.23 9.57
CA SER B 373 -19.94 6.04 8.73
C SER B 373 -19.83 4.82 7.83
N GLY B 374 -18.74 4.06 7.91
CA GLY B 374 -18.54 2.97 7.00
C GLY B 374 -18.06 3.38 5.63
N GLN B 375 -17.47 4.56 5.49
CA GLN B 375 -17.03 5.05 4.20
C GLN B 375 -15.54 4.80 4.00
N LEU B 376 -15.16 4.56 2.74
CA LEU B 376 -13.77 4.32 2.39
C LEU B 376 -13.01 5.62 2.52
N GLU B 377 -11.98 5.61 3.36
CA GLU B 377 -11.22 6.81 3.65
C GLU B 377 -10.00 6.79 2.74
N MET B 378 -10.20 7.32 1.53
CA MET B 378 -9.20 7.31 0.48
C MET B 378 -9.24 8.65 -0.26
N GLY B 379 -8.16 8.93 -0.99
CA GLY B 379 -8.07 10.17 -1.72
C GLY B 379 -6.80 10.32 -2.53
N LEU B 380 -6.28 11.54 -2.59
CA LEU B 380 -5.11 11.89 -3.39
C LEU B 380 -4.01 12.38 -2.45
N LEU B 381 -2.84 11.76 -2.54
CA LEU B 381 -1.63 12.36 -1.96
C LEU B 381 -1.12 13.33 -3.00
N PHE B 382 -1.64 14.55 -2.95
CA PHE B 382 -1.27 15.61 -3.89
C PHE B 382 0.14 16.09 -3.59
N ILE B 383 1.01 16.03 -4.59
CA ILE B 383 2.36 16.57 -4.45
C ILE B 383 2.64 17.37 -5.70
N ALA B 384 3.11 18.60 -5.52
CA ALA B 384 3.46 19.40 -6.69
C ALA B 384 4.73 20.20 -6.43
N TYR B 385 5.53 20.36 -7.49
CA TYR B 385 6.75 21.14 -7.44
C TYR B 385 6.61 22.39 -8.30
N GLN B 386 7.30 23.45 -7.88
CA GLN B 386 7.34 24.69 -8.64
C GLN B 386 8.51 25.54 -8.19
N ALA B 387 9.00 26.37 -9.10
CA ALA B 387 10.09 27.29 -8.78
C ALA B 387 9.63 28.41 -7.88
N ASP B 388 8.32 28.68 -7.84
CA ASP B 388 7.79 29.79 -7.05
C ASP B 388 6.51 29.30 -6.41
N LEU B 389 6.54 29.13 -5.07
CA LEU B 389 5.41 28.54 -4.36
C LEU B 389 4.18 29.45 -4.43
N ASP B 390 4.39 30.77 -4.39
CA ASP B 390 3.26 31.70 -4.39
C ASP B 390 2.60 31.74 -5.76
N ALA B 391 3.42 31.82 -6.83
CA ALA B 391 2.90 31.88 -8.19
C ALA B 391 2.26 30.56 -8.60
N GLY B 392 2.71 29.45 -8.01
CA GLY B 392 2.30 28.12 -8.41
C GLY B 392 1.16 27.60 -7.57
N PHE B 393 1.43 26.61 -6.70
CA PHE B 393 0.37 25.98 -5.92
C PHE B 393 -0.58 26.98 -5.29
N ILE B 394 -0.03 28.03 -4.64
CA ILE B 394 -0.88 28.93 -3.86
C ILE B 394 -1.84 29.69 -4.76
N THR B 395 -1.36 30.20 -5.90
CA THR B 395 -2.21 30.88 -6.85
C THR B 395 -3.25 29.92 -7.42
N VAL B 396 -2.81 28.75 -7.86
CA VAL B 396 -3.72 27.76 -8.43
C VAL B 396 -4.83 27.42 -7.45
N GLN B 397 -4.47 27.13 -6.20
CA GLN B 397 -5.48 26.76 -5.20
C GLN B 397 -6.41 27.93 -4.91
N LYS B 398 -5.89 29.16 -4.93
CA LYS B 398 -6.75 30.34 -4.78
C LYS B 398 -7.74 30.46 -5.93
N ARG B 399 -7.32 30.15 -7.16
CA ARG B 399 -8.24 30.04 -8.29
C ARG B 399 -9.27 28.93 -8.08
N LEU B 400 -8.88 27.88 -7.37
CA LEU B 400 -9.69 26.69 -7.27
C LEU B 400 -10.74 26.78 -6.17
N ASP B 401 -10.60 27.72 -5.23
CA ASP B 401 -11.49 27.77 -4.09
C ASP B 401 -12.93 28.01 -4.55
N GLY B 402 -13.85 27.25 -3.95
CA GLY B 402 -15.25 27.25 -4.34
C GLY B 402 -15.60 26.40 -5.54
N GLU B 403 -14.63 25.70 -6.15
CA GLU B 403 -14.92 24.83 -7.29
C GLU B 403 -15.95 23.77 -6.90
N PRO B 404 -16.75 23.30 -7.86
CA PRO B 404 -17.76 22.26 -7.54
C PRO B 404 -17.14 20.95 -7.11
N LEU B 405 -15.88 20.67 -7.46
CA LEU B 405 -15.22 19.47 -6.98
C LEU B 405 -15.19 19.40 -5.45
N GLU B 406 -15.21 20.56 -4.77
CA GLU B 406 -15.12 20.59 -3.32
C GLU B 406 -16.28 19.85 -2.64
N GLU B 407 -17.36 19.55 -3.37
CA GLU B 407 -18.40 18.69 -2.81
C GLU B 407 -17.91 17.26 -2.57
N TYR B 408 -16.82 16.87 -3.22
CA TYR B 408 -16.36 15.49 -3.19
C TYR B 408 -14.98 15.32 -2.57
N ILE B 409 -14.29 16.42 -2.21
CA ILE B 409 -12.92 16.35 -1.73
C ILE B 409 -12.77 17.20 -0.46
N LYS B 410 -11.82 16.82 0.39
CA LYS B 410 -11.56 17.54 1.64
C LYS B 410 -10.08 17.48 1.97
N PRO B 411 -9.35 18.56 1.78
CA PRO B 411 -7.95 18.59 2.24
C PRO B 411 -7.89 18.47 3.76
N ILE B 412 -7.11 17.50 4.25
CA ILE B 412 -7.05 17.22 5.67
C ILE B 412 -5.66 17.39 6.26
N GLY B 413 -4.64 17.58 5.43
CA GLY B 413 -3.32 17.87 5.97
C GLY B 413 -2.32 18.11 4.87
N GLY B 414 -1.08 18.35 5.29
CA GLY B 414 0.04 18.47 4.38
C GLY B 414 0.96 19.59 4.81
N GLY B 415 1.65 20.22 3.87
CA GLY B 415 2.45 21.38 4.23
C GLY B 415 3.37 21.78 3.10
N TYR B 416 4.14 22.84 3.35
CA TYR B 416 5.06 23.39 2.37
C TYR B 416 6.49 23.09 2.79
N PHE B 417 7.31 22.70 1.82
CA PHE B 417 8.69 22.38 2.08
C PHE B 417 9.52 22.88 0.92
N PHE B 418 10.80 23.14 1.18
CA PHE B 418 11.73 23.49 0.11
C PHE B 418 12.59 22.29 -0.19
N THR B 419 12.49 21.78 -1.42
CA THR B 419 13.32 20.68 -1.86
C THR B 419 14.75 21.15 -2.09
N LEU B 420 15.69 20.51 -1.42
CA LEU B 420 17.06 20.98 -1.39
C LEU B 420 17.75 20.71 -2.73
N PRO B 421 18.72 21.56 -3.11
CA PRO B 421 19.45 21.33 -4.36
C PRO B 421 20.19 19.99 -4.34
N GLY B 422 20.43 19.47 -5.53
CA GLY B 422 21.16 18.23 -5.63
C GLY B 422 22.65 18.43 -5.41
N ILE B 423 23.36 17.32 -5.30
CA ILE B 423 24.82 17.36 -5.19
C ILE B 423 25.39 16.42 -6.24
N THR B 424 26.56 16.81 -6.78
CA THR B 424 27.19 16.11 -7.88
C THR B 424 28.43 15.33 -7.45
N ARG B 425 28.92 15.56 -6.25
CA ARG B 425 30.08 14.85 -5.71
C ARG B 425 29.64 14.12 -4.45
N ALA B 426 29.76 12.79 -4.44
CA ALA B 426 29.58 12.04 -3.19
C ALA B 426 30.44 12.62 -2.06
N ASP B 427 31.49 13.38 -2.43
CA ASP B 427 32.21 14.32 -1.57
C ASP B 427 31.27 15.27 -0.81
N ASP B 428 30.12 15.63 -1.40
CA ASP B 428 29.23 16.66 -0.86
C ASP B 428 28.12 16.02 -0.02
N TYR B 429 27.15 16.83 0.44
CA TYR B 429 25.96 16.27 1.07
C TYR B 429 24.82 17.27 1.03
N PHE B 430 23.59 16.77 1.09
CA PHE B 430 22.40 17.61 1.00
C PHE B 430 22.31 18.53 2.21
N GLY B 431 21.86 19.76 1.97
CA GLY B 431 21.83 20.76 3.01
C GLY B 431 23.15 21.44 3.29
N ARG B 432 24.25 21.01 2.68
CA ARG B 432 25.52 21.63 3.00
C ARG B 432 25.55 23.08 2.53
N SER B 433 25.00 23.37 1.35
CA SER B 433 25.02 24.75 0.86
C SER B 433 24.17 25.67 1.72
N LEU B 434 23.03 25.16 2.23
CA LEU B 434 22.24 25.90 3.20
C LEU B 434 23.04 26.23 4.45
N LEU B 435 23.85 25.27 4.92
CA LEU B 435 24.70 25.52 6.08
C LEU B 435 25.84 26.46 5.73
N ASP B 436 26.41 26.29 4.53
CA ASP B 436 27.46 27.18 4.06
C ASP B 436 26.97 28.62 3.99
N ALA B 437 25.79 28.82 3.36
CA ALA B 437 25.32 30.18 3.12
C ALA B 437 24.88 30.85 4.42
N SER B 438 24.24 30.10 5.32
CA SER B 438 23.88 30.69 6.60
C SER B 438 25.12 31.05 7.42
N ALA B 439 26.23 30.34 7.21
CA ALA B 439 27.46 30.63 7.95
C ALA B 439 28.36 31.64 7.20
CHA HEM C . 6.93 -19.99 11.42
CHB HEM C . 7.21 -15.16 11.81
CHC HEM C . 2.91 -15.12 14.18
CHD HEM C . 2.39 -19.83 13.20
C1A HEM C . 7.38 -18.69 11.37
C2A HEM C . 8.66 -18.32 10.87
C3A HEM C . 8.74 -16.96 11.00
C4A HEM C . 7.51 -16.48 11.54
CMA HEM C . 9.92 -16.13 10.58
CAA HEM C . 9.78 -19.22 10.33
CBA HEM C . 9.74 -19.56 8.85
CGA HEM C . 8.52 -20.40 8.49
O1A HEM C . 7.51 -19.89 7.93
O2A HEM C . 8.53 -21.62 8.71
C1B HEM C . 6.05 -14.76 12.53
C2B HEM C . 5.85 -13.44 12.96
C3B HEM C . 4.65 -13.39 13.63
C4B HEM C . 4.13 -14.78 13.60
CMB HEM C . 6.80 -12.29 12.68
CAB HEM C . 3.93 -12.26 14.26
CBB HEM C . 3.88 -11.04 13.70
C1C HEM C . 2.37 -16.40 14.10
C2C HEM C . 1.15 -16.80 14.65
C3C HEM C . 0.99 -18.14 14.39
C4C HEM C . 2.14 -18.56 13.66
CMC HEM C . 0.14 -15.97 15.38
CAC HEM C . -0.22 -18.87 14.87
CBC HEM C . -0.74 -19.91 14.26
C1D HEM C . 3.62 -20.23 12.64
C2D HEM C . 3.87 -21.63 12.25
C3D HEM C . 5.11 -21.67 11.78
C4D HEM C . 5.63 -20.30 11.84
CMD HEM C . 2.93 -22.81 12.38
CAD HEM C . 5.81 -22.90 11.26
CBD HEM C . 6.75 -23.53 12.30
CGD HEM C . 7.50 -24.72 11.70
O1D HEM C . 8.76 -24.79 11.80
O2D HEM C . 6.88 -25.65 11.10
NA HEM C . 6.71 -17.57 11.83
NB HEM C . 5.02 -15.54 12.93
NC HEM C . 2.99 -17.49 13.55
ND HEM C . 4.70 -19.47 12.36
FE HEM C . 4.87 -17.61 12.62
O1 OXY D . 3.92 -16.55 10.50
O2 OXY D . 3.42 -16.11 9.46
C1 PEG E . 1.13 -2.31 3.74
O1 PEG E . 2.53 -2.66 3.65
C2 PEG E . 0.65 -1.48 2.56
O2 PEG E . 1.10 -0.13 2.66
C3 PEG E . 0.60 0.66 1.56
C4 PEG E . -0.48 1.64 2.04
O4 PEG E . -0.22 2.01 3.40
C1 PEG F . -29.45 -0.47 -5.05
O1 PEG F . -28.09 -0.06 -5.05
C2 PEG F . -29.55 -1.83 -5.73
O2 PEG F . -30.91 -2.24 -5.76
C3 PEG F . -31.02 -3.66 -5.88
C4 PEG F . -32.40 -4.01 -6.39
O4 PEG F . -32.49 -5.42 -6.61
C1 PEG G . -6.70 -0.44 10.46
O1 PEG G . -6.04 0.10 11.62
C2 PEG G . -6.76 0.56 9.29
O2 PEG G . -5.99 0.06 8.17
C3 PEG G . -6.19 0.82 6.96
C4 PEG G . -5.45 0.23 5.76
O4 PEG G . -6.39 -0.63 5.18
C1 EDO H . 7.41 4.90 -13.72
O1 EDO H . 7.49 3.47 -13.54
C2 EDO H . 7.58 5.25 -15.20
O2 EDO H . 6.37 5.04 -15.93
C1 EDO I . -33.22 -7.17 -1.71
O1 EDO I . -33.35 -5.74 -1.58
C2 EDO I . -33.85 -7.73 -2.98
O2 EDO I . -34.06 -9.15 -2.86
C1 EDO J . -36.61 -5.63 -2.41
O1 EDO J . -36.37 -4.24 -2.66
C2 EDO J . -36.81 -6.31 -3.75
O2 EDO J . -37.14 -7.66 -3.51
C1 EDO K . 21.84 -20.10 19.63
O1 EDO K . 20.82 -20.95 20.20
C2 EDO K . 21.38 -19.53 18.30
O2 EDO K . 21.96 -18.24 18.09
C1 EDO L . 1.73 -12.36 29.18
O1 EDO L . 2.63 -12.99 30.11
C2 EDO L . 0.51 -13.26 28.96
O2 EDO L . 0.03 -13.72 30.22
C1 EDO M . -6.05 -0.12 16.95
O1 EDO M . -5.82 -0.13 18.37
C2 EDO M . -6.10 1.31 16.43
O2 EDO M . -4.97 2.03 16.95
C1 EDO N . 9.70 -28.58 4.99
O1 EDO N . 8.42 -28.23 4.44
C2 EDO N . 9.73 -28.18 6.46
O2 EDO N . 8.60 -28.73 7.16
C1 EDO O . 14.45 -14.44 25.71
O1 EDO O . 15.86 -14.20 25.65
C2 EDO O . 14.19 -15.66 26.60
O2 EDO O . 12.90 -15.53 27.21
C1 EDO P . -31.17 4.72 -3.51
O1 EDO P . -31.39 5.48 -4.70
C2 EDO P . -29.98 5.30 -2.75
O2 EDO P . -29.47 4.30 -1.85
C1 EDO Q . -25.71 -30.51 5.83
O1 EDO Q . -25.20 -30.41 4.49
C2 EDO Q . -25.98 -31.97 6.16
O2 EDO Q . -24.75 -32.71 6.07
C1 EDO R . 5.70 10.60 -22.81
O1 EDO R . 4.44 9.92 -22.65
C2 EDO R . 6.00 10.89 -24.28
O2 EDO R . 5.67 9.77 -25.10
C1 EDO S . 0.05 -27.42 24.86
O1 EDO S . 1.32 -26.97 25.33
C2 EDO S . -0.75 -26.24 24.29
O2 EDO S . -1.78 -26.76 23.43
C1 EDO T . 24.51 -24.90 25.72
O1 EDO T . 24.22 -25.36 27.05
C2 EDO T . 24.24 -23.40 25.62
O2 EDO T . 22.84 -23.17 25.83
C1 EDO U . -32.34 -20.12 -1.23
O1 EDO U . -33.25 -19.05 -1.48
C2 EDO U . -32.47 -21.18 -2.34
O2 EDO U . -31.74 -22.37 -1.98
CHA HEM V . -5.70 18.82 -13.78
CHB HEM V . -7.84 15.80 -10.62
CHC HEM V . -6.50 18.70 -6.92
CHD HEM V . -4.11 21.49 -10.05
C1A HEM V . -6.42 17.77 -13.22
C2A HEM V . -7.07 16.77 -13.98
C3A HEM V . -7.67 15.91 -13.10
C4A HEM V . -7.40 16.39 -11.78
CMA HEM V . -8.47 14.68 -13.46
CAA HEM V . -7.11 16.65 -15.51
CBA HEM V . -5.89 15.92 -16.10
CGA HEM V . -4.65 16.78 -16.08
O1A HEM V . -3.78 16.59 -15.22
O2A HEM V . -4.49 17.71 -16.91
C1B HEM V . -7.64 16.36 -9.35
C2B HEM V . -8.15 15.74 -8.16
C3B HEM V . -7.79 16.56 -7.10
C4B HEM V . -7.05 17.68 -7.72
CMB HEM V . -8.95 14.45 -8.12
CAB HEM V . -8.04 16.46 -5.65
CBB HEM V . -8.79 15.52 -5.08
C1C HEM V . -5.69 19.69 -7.44
C2C HEM V . -5.03 20.67 -6.70
C3C HEM V . -4.35 21.48 -7.62
C4C HEM V . -4.62 20.97 -8.91
CMC HEM V . -5.06 20.78 -5.19
CAC HEM V . -3.49 22.65 -7.34
CBC HEM V . -3.82 23.55 -6.42
C1D HEM V . -4.38 20.95 -11.32
C2D HEM V . -3.80 21.57 -12.54
C3D HEM V . -4.24 20.82 -13.55
C4D HEM V . -5.07 19.76 -12.97
CMD HEM V . -2.90 22.80 -12.63
CAD HEM V . -3.94 21.07 -15.01
CBD HEM V . -5.06 21.87 -15.67
CGD HEM V . -4.71 22.17 -17.12
O1D HEM V . -5.53 21.90 -18.04
O2D HEM V . -3.62 22.71 -17.43
NA HEM V . -6.69 17.55 -11.88
NB HEM V . -6.99 17.48 -9.05
NC HEM V . -5.46 19.89 -8.78
ND HEM V . -5.12 19.89 -11.63
FE HEM V . -6.04 18.75 -10.43
O1 OXY W . -3.50 15.99 -9.47
O2 OXY W . -4.14 16.98 -9.83
C1 PEG X . 5.51 -2.45 -10.60
O1 PEG X . 5.24 -1.88 -11.90
C2 PEG X . 4.78 -3.80 -10.49
O2 PEG X . 5.18 -4.57 -9.34
C3 PEG X . 4.65 -5.90 -9.38
C4 PEG X . 5.40 -6.84 -8.44
O4 PEG X . 5.46 -8.15 -9.01
C1 PEG Y . -20.00 17.23 -20.51
O1 PEG Y . -20.86 16.08 -20.51
C2 PEG Y . -20.68 18.38 -21.25
O2 PEG Y . -20.24 19.66 -20.78
C3 PEG Y . -21.02 20.73 -21.34
C4 PEG Y . -20.98 21.96 -20.44
O4 PEG Y . -22.15 22.05 -19.60
C1 EDO Z . 29.81 25.07 7.51
O1 EDO Z . 29.23 24.72 6.25
C2 EDO Z . 29.68 23.88 8.45
O2 EDO Z . 28.29 23.57 8.61
C1 EDO AA . 23.19 3.69 14.88
O1 EDO AA . 22.46 2.93 13.92
C2 EDO AA . 24.54 3.01 15.10
O2 EDO AA . 25.40 3.83 15.90
C1 EDO BA . 36.49 -1.49 14.37
O1 EDO BA . 37.64 -1.30 15.20
C2 EDO BA . 36.23 -0.20 13.59
O2 EDO BA . 35.03 -0.35 12.82
C1 EDO CA . 17.92 -11.31 -0.59
O1 EDO CA . 17.48 -12.52 0.06
C2 EDO CA . 16.71 -10.82 -1.37
O2 EDO CA . 15.55 -11.20 -0.59
C1 EDO DA . 7.37 23.90 8.36
O1 EDO DA . 7.08 25.21 8.85
C2 EDO DA . 6.18 23.43 7.53
O2 EDO DA . 6.43 22.16 6.93
C1 EDO EA . 5.24 3.50 -32.81
O1 EDO EA . 5.27 2.43 -33.77
C2 EDO EA . 4.30 4.57 -33.35
O2 EDO EA . 3.13 3.90 -33.85
C1 EDO FA . 23.11 34.40 -1.48
O1 EDO FA . 22.14 35.45 -1.59
C2 EDO FA . 22.87 33.60 -0.22
O2 EDO FA . 23.40 32.27 -0.41
C1 EDO GA . 28.80 11.40 9.83
O1 EDO GA . 27.85 10.35 9.65
C2 EDO GA . 29.80 11.36 8.68
O2 EDO GA . 29.14 11.62 7.43
C1 EDO HA . 29.51 6.19 2.92
O1 EDO HA . 29.38 6.78 4.22
C2 EDO HA . 28.15 5.76 2.37
O2 EDO HA . 27.64 4.60 3.06
C1 EDO IA . 10.75 8.28 19.61
O1 EDO IA . 11.00 7.76 18.30
C2 EDO IA . 11.02 9.78 19.67
O2 EDO IA . 12.42 10.02 19.85
C1 PGE JA . 25.40 -1.01 4.73
O1 PGE JA . 24.19 -0.42 5.21
C2 PGE JA . 26.54 -0.19 5.27
O2 PGE JA . 25.99 0.88 6.02
C3 PGE JA . 26.01 0.72 7.42
C4 PGE JA . 24.72 1.31 7.98
O4 PGE JA . 25.33 5.65 9.91
C6 PGE JA . 24.87 4.32 10.08
C5 PGE JA . 25.13 3.51 8.81
O3 PGE JA . 25.01 2.12 9.10
C1 PGE KA . -9.99 0.80 10.52
O1 PGE KA . -10.39 -0.09 9.50
C2 PGE KA . -11.17 1.70 10.81
O2 PGE KA . -12.09 1.02 11.64
C3 PGE KA . -12.48 1.80 12.77
C4 PGE KA . -13.17 3.07 12.30
O4 PGE KA . -17.19 1.26 12.29
C6 PGE KA . -16.20 2.26 12.09
C5 PGE KA . -15.22 2.29 13.25
O3 PGE KA . -14.31 3.37 13.10
C1 PGE LA . -0.40 5.90 6.65
O1 PGE LA . -0.26 5.46 5.31
C2 PGE LA . -1.65 6.77 6.58
O2 PGE LA . -1.66 7.85 7.50
C3 PGE LA . -2.47 7.57 8.62
C4 PGE LA . -3.89 8.03 8.34
O4 PGE LA . -6.93 9.86 6.63
C6 PGE LA . -6.11 9.43 7.72
C5 PGE LA . -4.79 10.16 7.81
O3 PGE LA . -3.97 9.41 8.67
#